data_1OOP
#
_entry.id   1OOP
#
_cell.length_a   354.1
_cell.length_b   371.7
_cell.length_c   318.6
_cell.angle_alpha   90.00
_cell.angle_beta   90.00
_cell.angle_gamma   90.00
#
_symmetry.space_group_name_H-M   'P 2 21 21'
#
loop_
_entity.id
_entity.type
_entity.pdbx_description
1 polymer 'Coat protein VP1'
2 polymer 'Coat protein VP2'
3 polymer 'Coat protein VP3'
4 polymer 'Coat protein VP4'
5 non-polymer SPHINGOSINE
6 non-polymer 'MYRISTIC ACID'
#
loop_
_entity_poly.entity_id
_entity_poly.type
_entity_poly.pdbx_seq_one_letter_code
_entity_poly.pdbx_strand_id
1 'polypeptide(L)'
;GPPGEVMGRAIARVADTIGSGPVNSESIPALTAAETGHTSQVVPSDTMQTRHVKNYHSRSESTVENFLCRSACVFYTTYE
NHDSDGDNFAYWVINTRQVAQLRRKLEMFTYARFDLELTFVITSTQEQPTVRGQDAPVLTHQIMYVPPGGPVPTKVNSYS
WQTSTNPSVFWTEGSAPPRMSVPFIGIGNAYSMFYDGWARFDKQGTYGISTLNNMGTLYMRHVNDGGPGPIVSTVRIYFK
PKHVKTWVPRPPRLCQYQKAGNVNFEPTGVTEGRTDITTMKTT
;
A
2 'polypeptide(L)'
;SPSAEECGYSDRVRSITLGNSTITTQECANVVVGYGVWPTYLKDEEATAEDQPTQPDVATCRFYTLESVMWQQSSPGWWW
KFPDALSNMGLFGQNMQYHYLGRAGYTIHVQCNASKFHQGCLLVVCVPEAEMGCATLANKPDPKSLSKGEIANMFESQNS
TGETAVQANVINAGMGVGVGNLTIFPHQWINLRTNNSATIVMPYINSVPMDNMFRHNNFTLMVIPFAPLSYSTGATTYVP
ITVTVAPMCAEYNGLRLAGKQ
;
B
3 'polypeptide(L)'
;GLPTLSTPGSNQFLTSDDFQSPSAMPQFDVTPEMDIPGQVNNLMEIAEVDSVVPVNNTEGKVMSIEAYQIPVQSNPTNGS
QVFGFPLTPGANSVLNRTLLGEILNYYAHWSGSIKLTFMFCGSAMATGKFLLAYSPPGAGAPTTRKEAMLGTHVIWDVGL
QSSCVLCIPWISQTHYRYVVMDEYTAGGYITCWYQTNIVVPADAQSDCKILCFVSACNDFSVRMLKDTPFIKQDNFFQ
;
C
4 'polypeptide(L)' MGAQVSTQKTGAHETSLSAAGNSVIHYTNINYYKDAASNSANRQDFTQDPGKFTEPVKDIMVKSMPALN D
#
# COMPACT_ATOMS: atom_id res chain seq x y z
N ARG A 13 18.58 11.66 5.64
CA ARG A 13 19.24 11.29 6.97
C ARG A 13 18.37 10.94 8.20
N VAL A 14 18.85 9.99 9.01
CA VAL A 14 18.16 9.52 10.21
C VAL A 14 18.52 10.25 11.52
N ALA A 15 17.68 10.03 12.52
CA ALA A 15 17.83 10.65 13.83
C ALA A 15 18.91 10.11 14.74
N ASP A 16 19.51 11.04 15.47
CA ASP A 16 20.55 10.74 16.43
C ASP A 16 19.78 10.20 17.61
N THR A 17 20.40 9.32 18.38
CA THR A 17 19.72 8.84 19.57
C THR A 17 20.37 9.70 20.66
N ILE A 18 19.52 10.47 21.33
CA ILE A 18 19.93 11.40 22.37
C ILE A 18 20.08 10.65 23.67
N GLY A 19 21.15 10.93 24.40
CA GLY A 19 21.36 10.25 25.67
C GLY A 19 20.30 10.59 26.68
N SER A 20 19.89 9.60 27.47
CA SER A 20 18.88 9.77 28.50
C SER A 20 19.31 9.00 29.73
N GLY A 21 18.74 9.36 30.88
CA GLY A 21 19.10 8.68 32.10
C GLY A 21 17.87 8.23 32.86
N PRO A 22 18.01 7.99 34.17
CA PRO A 22 16.95 7.55 35.06
C PRO A 22 15.77 8.50 34.99
N VAL A 23 14.59 7.99 35.35
CA VAL A 23 13.36 8.76 35.36
C VAL A 23 12.54 8.27 36.55
N ASN A 24 11.55 9.07 36.94
CA ASN A 24 10.62 8.76 38.03
C ASN A 24 9.60 9.87 37.91
N SER A 25 8.81 9.80 36.85
CA SER A 25 7.83 10.81 36.54
C SER A 25 6.40 10.29 36.43
N GLU A 26 5.51 11.19 36.02
CA GLU A 26 4.12 10.84 35.83
C GLU A 26 3.78 11.16 34.38
N SER A 27 4.82 11.14 33.56
CA SER A 27 4.71 11.34 32.13
C SER A 27 4.91 9.86 31.73
N ILE A 28 3.99 9.32 30.95
CA ILE A 28 4.06 7.92 30.56
C ILE A 28 4.06 7.79 29.04
N PRO A 29 5.26 7.84 28.44
CA PRO A 29 5.52 7.73 27.01
C PRO A 29 5.13 6.38 26.41
N ALA A 30 5.47 5.32 27.15
CA ALA A 30 5.20 3.94 26.77
C ALA A 30 3.70 3.59 26.70
N LEU A 31 2.87 4.28 27.47
CA LEU A 31 1.44 4.02 27.44
C LEU A 31 0.66 4.99 26.55
N THR A 32 -0.07 4.42 25.60
CA THR A 32 -0.88 5.20 24.65
C THR A 32 -2.21 4.48 24.40
N ALA A 33 -2.91 4.96 23.37
CA ALA A 33 -4.20 4.39 22.95
C ALA A 33 -4.15 4.28 21.43
N ALA A 34 -3.82 3.10 20.93
CA ALA A 34 -3.71 2.88 19.49
C ALA A 34 -5.06 2.97 18.77
N GLU A 35 -6.13 3.04 19.54
CA GLU A 35 -7.47 3.15 19.00
C GLU A 35 -7.61 4.40 18.17
N THR A 36 -6.85 5.43 18.53
CA THR A 36 -6.86 6.72 17.85
C THR A 36 -6.47 6.60 16.38
N GLY A 37 -5.82 5.49 16.03
CA GLY A 37 -5.42 5.28 14.65
C GLY A 37 -4.17 6.07 14.40
N HIS A 38 -3.44 6.32 15.47
CA HIS A 38 -2.22 7.09 15.42
C HIS A 38 -1.07 6.22 15.89
N THR A 39 0.01 6.20 15.11
CA THR A 39 1.24 5.45 15.39
C THR A 39 2.08 6.21 16.43
N SER A 40 2.50 5.52 17.49
CA SER A 40 3.28 6.12 18.58
C SER A 40 4.62 6.62 18.07
N GLN A 41 5.07 7.78 18.55
CA GLN A 41 6.37 8.31 18.10
C GLN A 41 7.54 8.04 19.07
N VAL A 42 7.39 6.98 19.85
CA VAL A 42 8.39 6.55 20.81
C VAL A 42 9.74 6.23 20.16
N VAL A 43 10.78 6.39 20.97
CA VAL A 43 12.16 6.11 20.58
C VAL A 43 12.76 5.52 21.82
N PRO A 44 13.86 4.78 21.69
CA PRO A 44 14.56 4.13 22.79
C PRO A 44 14.69 4.97 24.05
N SER A 45 15.16 6.19 23.90
CA SER A 45 15.33 7.11 25.03
C SER A 45 14.13 7.16 25.98
N ASP A 46 12.93 6.93 25.46
CA ASP A 46 11.71 6.97 26.28
C ASP A 46 11.51 5.79 27.18
N THR A 47 12.15 4.66 26.89
CA THR A 47 11.93 3.50 27.72
C THR A 47 13.17 2.85 28.30
N MET A 48 14.34 3.44 28.06
CA MET A 48 15.59 2.87 28.58
C MET A 48 16.66 3.94 28.62
N GLN A 49 17.77 3.64 29.29
CA GLN A 49 18.85 4.58 29.35
C GLN A 49 19.64 4.42 28.08
N THR A 50 19.68 5.51 27.34
CA THR A 50 20.32 5.62 26.06
C THR A 50 21.66 6.36 26.13
N ARG A 51 22.56 6.06 25.21
CA ARG A 51 23.82 6.79 25.17
C ARG A 51 23.61 7.69 23.94
N HIS A 52 24.46 8.68 23.73
CA HIS A 52 24.24 9.51 22.55
C HIS A 52 24.91 8.87 21.34
N VAL A 53 24.25 8.86 20.20
CA VAL A 53 24.84 8.29 18.99
C VAL A 53 24.63 9.27 17.85
N LYS A 54 25.70 9.69 17.20
CA LYS A 54 25.52 10.58 16.07
C LYS A 54 25.35 9.64 14.89
N ASN A 55 24.10 9.59 14.42
CA ASN A 55 23.72 8.72 13.31
C ASN A 55 23.93 9.32 11.96
N TYR A 56 24.71 8.65 11.12
CA TYR A 56 24.95 9.19 9.80
C TYR A 56 24.17 8.50 8.69
N HIS A 57 23.38 7.52 9.05
CA HIS A 57 22.63 6.76 8.07
C HIS A 57 21.66 7.62 7.29
N SER A 58 21.67 7.47 5.98
CA SER A 58 20.78 8.21 5.12
C SER A 58 19.72 7.27 4.50
N ARG A 59 18.55 7.84 4.18
CA ARG A 59 17.48 7.06 3.55
C ARG A 59 17.49 7.30 2.05
N SER A 60 18.64 7.63 1.48
CA SER A 60 18.71 7.89 0.04
C SER A 60 18.12 6.82 -0.85
N GLU A 61 18.37 5.56 -0.55
CA GLU A 61 17.86 4.49 -1.39
C GLU A 61 16.39 4.08 -1.23
N SER A 62 15.64 4.66 -0.30
CA SER A 62 14.25 4.28 -0.19
C SER A 62 13.37 5.37 -0.73
N THR A 63 13.97 6.32 -1.42
CA THR A 63 13.15 7.37 -1.98
C THR A 63 12.38 6.70 -3.09
N VAL A 64 11.10 7.00 -3.14
CA VAL A 64 10.24 6.48 -4.17
C VAL A 64 10.95 6.44 -5.53
N GLU A 65 11.66 7.48 -5.93
CA GLU A 65 12.33 7.49 -7.22
C GLU A 65 13.36 6.40 -7.32
N ASN A 66 14.24 6.27 -6.33
CA ASN A 66 15.24 5.20 -6.44
C ASN A 66 14.66 3.82 -6.34
N PHE A 67 13.46 3.71 -5.79
CA PHE A 67 12.81 2.44 -5.66
C PHE A 67 12.27 1.97 -7.02
N LEU A 68 11.57 2.84 -7.74
CA LEU A 68 11.00 2.52 -9.04
C LEU A 68 11.94 2.74 -10.20
N CYS A 69 12.95 3.57 -10.02
CA CYS A 69 13.82 3.92 -11.13
C CYS A 69 14.94 2.98 -11.54
N ARG A 70 14.57 1.79 -11.97
CA ARG A 70 15.49 0.77 -12.45
C ARG A 70 14.71 0.04 -13.58
N SER A 71 15.33 -0.11 -14.76
CA SER A 71 14.67 -0.75 -15.90
C SER A 71 14.20 -2.14 -15.55
N ALA A 72 12.98 -2.47 -15.97
CA ALA A 72 12.36 -3.77 -15.69
C ALA A 72 11.65 -4.31 -16.92
N CYS A 73 11.85 -5.59 -17.26
CA CYS A 73 11.19 -6.15 -18.43
C CYS A 73 9.71 -6.16 -18.19
N VAL A 74 8.94 -5.61 -19.11
CA VAL A 74 7.49 -5.61 -18.92
C VAL A 74 6.79 -6.58 -19.84
N PHE A 75 7.56 -7.11 -20.80
CA PHE A 75 7.06 -8.05 -21.81
C PHE A 75 8.11 -8.35 -22.85
N TYR A 76 7.80 -9.30 -23.72
CA TYR A 76 8.61 -9.67 -24.87
C TYR A 76 7.75 -10.54 -25.74
N THR A 77 8.08 -10.56 -27.02
CA THR A 77 7.31 -11.31 -27.99
C THR A 77 8.27 -11.58 -29.11
N THR A 78 7.84 -12.32 -30.12
CA THR A 78 8.72 -12.69 -31.23
C THR A 78 8.05 -12.56 -32.60
N TYR A 79 8.87 -12.56 -33.63
CA TYR A 79 8.41 -12.45 -35.00
C TYR A 79 9.50 -13.09 -35.85
N GLU A 80 9.19 -13.48 -37.08
CA GLU A 80 10.15 -14.20 -37.92
C GLU A 80 10.58 -13.58 -39.27
N ASN A 81 11.84 -13.79 -39.65
CA ASN A 81 12.35 -13.28 -40.94
C ASN A 81 11.98 -14.34 -41.90
N HIS A 82 10.84 -14.09 -42.54
CA HIS A 82 10.17 -14.94 -43.54
C HIS A 82 8.93 -15.51 -42.81
N ASP A 83 8.41 -16.68 -43.24
CA ASP A 83 7.21 -17.33 -42.64
C ASP A 83 6.00 -16.38 -42.72
N SER A 84 4.87 -16.80 -43.26
CA SER A 84 3.89 -15.77 -43.52
C SER A 84 2.51 -15.38 -43.00
N ASP A 85 2.60 -14.19 -42.39
CA ASP A 85 1.56 -13.29 -41.86
C ASP A 85 1.10 -13.12 -40.42
N GLY A 86 1.12 -14.19 -39.62
CA GLY A 86 0.94 -14.01 -38.20
C GLY A 86 2.46 -13.75 -38.07
N ASP A 87 3.20 -14.82 -37.80
CA ASP A 87 4.69 -14.86 -37.70
C ASP A 87 5.57 -13.67 -38.15
N ASN A 88 5.28 -13.14 -39.33
CA ASN A 88 5.96 -12.01 -39.95
C ASN A 88 6.29 -10.78 -39.13
N PHE A 89 5.33 -10.38 -38.30
CA PHE A 89 5.45 -9.22 -37.43
C PHE A 89 4.74 -9.48 -36.11
N ALA A 90 4.99 -8.66 -35.10
CA ALA A 90 4.36 -8.84 -33.80
C ALA A 90 3.77 -7.54 -33.33
N TYR A 91 2.98 -7.58 -32.26
CA TYR A 91 2.39 -6.39 -31.72
C TYR A 91 2.11 -6.61 -30.26
N TRP A 92 2.00 -5.54 -29.48
CA TRP A 92 1.73 -5.69 -28.04
C TRP A 92 0.92 -4.51 -27.61
N VAL A 93 -0.17 -4.73 -26.90
CA VAL A 93 -0.91 -3.56 -26.47
C VAL A 93 -0.31 -3.23 -25.13
N ILE A 94 0.30 -2.07 -25.08
CA ILE A 94 0.99 -1.60 -23.90
C ILE A 94 0.15 -1.63 -22.63
N ASN A 95 0.77 -2.22 -21.60
CA ASN A 95 0.21 -2.33 -20.26
C ASN A 95 1.30 -2.83 -19.31
N THR A 96 1.22 -2.46 -18.05
CA THR A 96 2.26 -2.88 -17.12
C THR A 96 1.83 -4.03 -16.21
N ARG A 97 0.73 -4.70 -16.53
CA ARG A 97 0.24 -5.73 -15.65
C ARG A 97 0.53 -7.18 -16.02
N GLN A 98 1.30 -7.41 -17.07
CA GLN A 98 1.53 -8.79 -17.40
C GLN A 98 2.76 -9.37 -16.75
N VAL A 99 3.47 -8.58 -15.95
CA VAL A 99 4.66 -9.09 -15.27
C VAL A 99 4.47 -8.95 -13.78
N ALA A 100 4.99 -9.88 -13.00
CA ALA A 100 4.78 -9.80 -11.57
C ALA A 100 5.56 -8.70 -10.93
N GLN A 101 6.86 -8.76 -11.10
CA GLN A 101 7.76 -7.80 -10.47
C GLN A 101 7.41 -6.32 -10.48
N LEU A 102 7.47 -5.68 -11.66
CA LEU A 102 7.16 -4.26 -11.76
C LEU A 102 5.77 -4.00 -11.26
N ARG A 103 4.81 -4.73 -11.79
CA ARG A 103 3.44 -4.56 -11.40
C ARG A 103 3.26 -4.48 -9.89
N ARG A 104 3.92 -5.34 -9.13
CA ARG A 104 3.74 -5.26 -7.69
C ARG A 104 4.31 -3.98 -7.08
N LYS A 105 5.37 -3.45 -7.68
CA LYS A 105 6.00 -2.22 -7.18
C LYS A 105 5.08 -1.04 -7.43
N LEU A 106 4.68 -0.83 -8.67
CA LEU A 106 3.80 0.30 -8.96
C LEU A 106 2.58 0.18 -8.10
N GLU A 107 2.14 -1.04 -7.89
CA GLU A 107 0.94 -1.24 -7.10
C GLU A 107 1.05 -1.00 -5.62
N MET A 108 2.17 -0.49 -5.14
CA MET A 108 2.27 -0.20 -3.72
C MET A 108 1.68 1.16 -3.47
N PHE A 109 1.25 1.79 -4.56
CA PHE A 109 0.68 3.12 -4.57
C PHE A 109 -0.60 3.09 -5.38
N THR A 110 -1.59 3.90 -5.03
CA THR A 110 -2.82 3.96 -5.79
C THR A 110 -2.69 4.80 -7.06
N TYR A 111 -2.05 5.97 -6.97
CA TYR A 111 -1.90 6.84 -8.13
C TYR A 111 -0.45 7.18 -8.28
N ALA A 112 -0.03 7.40 -9.50
CA ALA A 112 1.37 7.73 -9.73
C ALA A 112 1.51 8.56 -10.98
N ARG A 113 2.56 9.34 -11.05
CA ARG A 113 2.78 10.19 -12.18
C ARG A 113 4.24 10.03 -12.44
N PHE A 114 4.61 9.79 -13.70
CA PHE A 114 6.01 9.61 -14.01
C PHE A 114 6.28 9.60 -15.47
N ASP A 115 7.56 9.78 -15.82
CA ASP A 115 8.00 9.75 -17.21
C ASP A 115 8.56 8.34 -17.36
N LEU A 116 8.87 7.95 -18.58
CA LEU A 116 9.38 6.60 -18.82
C LEU A 116 10.55 6.59 -19.71
N GLU A 117 11.42 5.63 -19.46
CA GLU A 117 12.58 5.45 -20.28
C GLU A 117 12.43 4.05 -20.81
N LEU A 118 12.17 3.92 -22.11
CA LEU A 118 12.04 2.63 -22.74
C LEU A 118 13.35 2.19 -23.32
N THR A 119 13.68 0.93 -23.08
CA THR A 119 14.89 0.36 -23.62
C THR A 119 14.40 -1.00 -24.17
N PHE A 120 14.94 -1.37 -25.32
CA PHE A 120 14.57 -2.59 -25.98
C PHE A 120 15.76 -3.48 -26.18
N VAL A 121 15.64 -4.74 -25.81
CA VAL A 121 16.75 -5.65 -26.07
C VAL A 121 16.22 -6.61 -27.13
N ILE A 122 16.84 -6.56 -28.31
CA ILE A 122 16.43 -7.37 -29.44
C ILE A 122 17.49 -8.38 -29.83
N THR A 123 17.11 -9.64 -29.82
CA THR A 123 18.03 -10.72 -30.15
C THR A 123 17.46 -11.65 -31.19
N SER A 124 18.35 -12.22 -32.01
CA SER A 124 17.92 -13.11 -33.07
C SER A 124 18.54 -14.51 -33.03
N THR A 125 17.77 -15.47 -33.53
CA THR A 125 18.18 -16.85 -33.58
C THR A 125 17.78 -17.53 -34.89
N GLN A 126 18.61 -18.50 -35.28
CA GLN A 126 18.40 -19.30 -36.47
C GLN A 126 17.46 -20.45 -36.21
N GLU A 127 16.60 -20.76 -37.16
CA GLU A 127 15.69 -21.89 -37.01
C GLU A 127 16.16 -23.04 -37.92
N GLN A 128 15.79 -24.28 -37.55
CA GLN A 128 16.25 -25.49 -38.24
C GLN A 128 16.25 -25.78 -39.75
N PRO A 129 15.23 -25.36 -40.50
CA PRO A 129 15.40 -25.72 -41.93
C PRO A 129 16.54 -24.81 -42.49
N THR A 130 17.81 -25.10 -42.15
CA THR A 130 18.95 -24.26 -42.49
C THR A 130 19.43 -23.77 -43.83
N VAL A 131 19.49 -24.60 -44.86
CA VAL A 131 20.00 -24.12 -46.17
C VAL A 131 21.52 -23.95 -46.22
N ARG A 132 22.13 -24.16 -47.38
CA ARG A 132 23.58 -24.07 -47.50
C ARG A 132 24.01 -22.72 -48.04
N GLY A 133 25.18 -22.28 -47.58
CA GLY A 133 25.69 -20.99 -47.98
C GLY A 133 24.88 -19.87 -47.35
N GLN A 134 24.23 -20.19 -46.23
CA GLN A 134 23.43 -19.22 -45.50
C GLN A 134 24.45 -18.28 -44.92
N ASP A 135 24.37 -17.02 -45.35
CA ASP A 135 25.27 -15.94 -44.95
C ASP A 135 24.42 -14.67 -45.05
N ALA A 136 23.66 -14.41 -43.99
CA ALA A 136 22.75 -13.29 -43.91
C ALA A 136 23.34 -11.96 -43.48
N PRO A 137 23.00 -10.89 -44.23
CA PRO A 137 23.47 -9.54 -43.94
C PRO A 137 22.81 -9.16 -42.62
N VAL A 138 23.36 -8.14 -41.96
CA VAL A 138 22.83 -7.71 -40.67
C VAL A 138 21.39 -7.28 -40.77
N LEU A 139 20.66 -7.58 -39.69
CA LEU A 139 19.25 -7.27 -39.57
C LEU A 139 18.89 -5.95 -38.94
N THR A 140 17.92 -5.27 -39.53
CA THR A 140 17.45 -4.00 -39.02
C THR A 140 15.95 -4.16 -38.68
N HIS A 141 15.58 -3.75 -37.48
CA HIS A 141 14.21 -3.87 -37.05
C HIS A 141 13.54 -2.52 -37.03
N GLN A 142 12.21 -2.52 -37.00
CA GLN A 142 11.47 -1.28 -36.88
C GLN A 142 10.39 -1.51 -35.86
N ILE A 143 10.26 -0.56 -34.93
CA ILE A 143 9.23 -0.66 -33.90
C ILE A 143 8.41 0.57 -34.09
N MET A 144 7.11 0.41 -34.11
CA MET A 144 6.26 1.54 -34.33
C MET A 144 5.22 1.65 -33.27
N TYR A 145 4.99 2.86 -32.80
CA TYR A 145 4.00 3.02 -31.77
C TYR A 145 2.76 3.59 -32.42
N VAL A 146 1.63 2.94 -32.19
CA VAL A 146 0.38 3.37 -32.81
C VAL A 146 -0.55 3.86 -31.75
N PRO A 147 -0.68 5.18 -31.61
CA PRO A 147 -1.57 5.74 -30.61
C PRO A 147 -2.99 5.26 -30.91
N PRO A 148 -3.85 5.16 -29.88
CA PRO A 148 -5.22 4.71 -30.01
C PRO A 148 -5.90 5.39 -31.20
N GLY A 149 -6.37 4.61 -32.17
CA GLY A 149 -7.05 5.23 -33.29
C GLY A 149 -6.29 5.21 -34.60
N GLY A 150 -4.97 5.11 -34.49
CA GLY A 150 -4.16 5.09 -35.68
C GLY A 150 -4.35 3.82 -36.46
N PRO A 151 -4.20 3.86 -37.78
CA PRO A 151 -4.37 2.71 -38.64
C PRO A 151 -3.25 1.77 -38.28
N VAL A 152 -3.64 0.55 -37.98
CA VAL A 152 -2.75 -0.50 -37.54
C VAL A 152 -2.34 -1.42 -38.71
N PRO A 153 -1.10 -1.92 -38.72
CA PRO A 153 -0.60 -2.80 -39.78
C PRO A 153 -1.34 -4.14 -39.84
N THR A 154 -1.43 -4.72 -41.04
CA THR A 154 -2.09 -6.01 -41.21
C THR A 154 -1.19 -7.10 -41.73
N LYS A 155 -0.02 -6.72 -42.23
CA LYS A 155 0.99 -7.67 -42.73
C LYS A 155 2.34 -6.92 -42.76
N VAL A 156 3.48 -7.62 -42.85
CA VAL A 156 4.77 -6.92 -42.82
C VAL A 156 4.98 -5.77 -43.74
N ASN A 157 4.16 -5.63 -44.76
CA ASN A 157 4.38 -4.56 -45.69
C ASN A 157 3.17 -3.68 -45.90
N SER A 158 2.32 -3.50 -44.89
CA SER A 158 1.17 -2.62 -45.00
C SER A 158 1.63 -1.14 -45.13
N TYR A 159 0.80 -0.30 -45.73
CA TYR A 159 1.18 1.10 -45.87
C TYR A 159 1.53 1.77 -44.54
N SER A 160 0.87 1.40 -43.46
CA SER A 160 1.12 2.02 -42.17
C SER A 160 2.56 2.02 -41.67
N TRP A 161 3.40 1.19 -42.24
CA TRP A 161 4.79 1.16 -41.79
C TRP A 161 5.57 2.38 -42.31
N GLN A 162 4.95 3.22 -43.12
CA GLN A 162 5.65 4.39 -43.58
C GLN A 162 5.78 5.47 -42.49
N THR A 163 5.07 5.28 -41.38
CA THR A 163 5.10 6.18 -40.22
C THR A 163 5.28 7.64 -40.43
N SER A 164 4.43 8.28 -41.22
CA SER A 164 4.64 9.70 -41.44
C SER A 164 4.36 10.50 -40.16
N THR A 165 3.66 9.89 -39.22
CA THR A 165 3.34 10.59 -37.99
C THR A 165 3.57 9.78 -36.73
N ASN A 166 3.28 8.50 -36.76
CA ASN A 166 3.53 7.70 -35.56
C ASN A 166 5.03 7.66 -35.40
N PRO A 167 5.51 7.62 -34.16
CA PRO A 167 6.95 7.56 -34.00
C PRO A 167 7.40 6.11 -34.16
N SER A 168 8.62 5.88 -34.63
CA SER A 168 9.14 4.53 -34.83
C SER A 168 10.62 4.58 -34.62
N VAL A 169 11.19 3.43 -34.32
CA VAL A 169 12.63 3.38 -34.20
C VAL A 169 13.09 2.32 -35.16
N PHE A 170 14.17 2.61 -35.85
CA PHE A 170 14.78 1.66 -36.72
C PHE A 170 16.08 1.38 -36.04
N TRP A 171 16.36 0.12 -35.77
CA TRP A 171 17.59 -0.26 -35.10
C TRP A 171 18.26 -1.47 -35.75
N THR A 172 19.59 -1.43 -35.88
CA THR A 172 20.32 -2.51 -36.50
C THR A 172 20.99 -3.42 -35.51
N GLU A 173 21.05 -4.71 -35.80
CA GLU A 173 21.64 -5.62 -34.82
C GLU A 173 23.09 -5.36 -34.50
N GLY A 174 23.41 -5.62 -33.24
CA GLY A 174 24.78 -5.40 -32.81
C GLY A 174 25.13 -3.98 -32.39
N SER A 175 24.14 -3.10 -32.29
CA SER A 175 24.47 -1.75 -31.94
C SER A 175 23.96 -1.08 -30.70
N ALA A 176 23.69 -1.80 -29.62
CA ALA A 176 23.24 -1.11 -28.39
C ALA A 176 21.81 -0.75 -28.34
N PRO A 177 21.14 -1.31 -27.36
CA PRO A 177 19.73 -1.20 -27.04
C PRO A 177 19.12 0.13 -27.39
N PRO A 178 18.14 0.15 -28.29
CA PRO A 178 17.53 1.44 -28.64
C PRO A 178 16.82 1.94 -27.38
N ARG A 179 16.72 3.25 -27.22
CA ARG A 179 16.10 3.85 -26.03
C ARG A 179 15.44 5.19 -26.25
N MET A 180 14.30 5.42 -25.59
CA MET A 180 13.60 6.70 -25.72
C MET A 180 13.02 7.06 -24.42
N SER A 181 12.60 8.30 -24.32
CA SER A 181 11.94 8.79 -23.12
C SER A 181 10.57 9.23 -23.59
N VAL A 182 9.58 8.97 -22.76
CA VAL A 182 8.18 9.26 -23.04
C VAL A 182 7.73 9.99 -21.80
N PRO A 183 6.95 11.08 -21.95
CA PRO A 183 6.42 11.92 -20.87
C PRO A 183 5.28 11.21 -20.16
N PHE A 184 4.68 11.90 -19.20
CA PHE A 184 3.53 11.37 -18.53
C PHE A 184 2.46 11.61 -19.58
N ILE A 185 2.03 10.55 -20.26
CA ILE A 185 1.04 10.71 -21.30
C ILE A 185 -0.39 10.52 -20.84
N GLY A 186 -0.60 10.37 -19.53
CA GLY A 186 -1.95 10.17 -19.01
C GLY A 186 -2.93 11.28 -19.34
N ILE A 187 -4.23 10.99 -19.30
CA ILE A 187 -5.23 12.03 -19.58
C ILE A 187 -5.84 12.53 -18.28
N GLY A 188 -5.54 11.86 -17.19
CA GLY A 188 -6.05 12.33 -15.91
C GLY A 188 -4.89 13.06 -15.29
N ASN A 189 -4.96 13.35 -14.01
CA ASN A 189 -3.85 14.08 -13.41
C ASN A 189 -2.77 13.14 -12.93
N ALA A 190 -3.04 11.84 -13.04
CA ALA A 190 -2.10 10.79 -12.64
C ALA A 190 -2.55 9.46 -13.23
N TYR A 191 -1.64 8.50 -13.25
CA TYR A 191 -1.98 7.17 -13.73
C TYR A 191 -2.59 6.57 -12.49
N SER A 192 -3.68 5.84 -12.67
CA SER A 192 -4.42 5.18 -11.61
C SER A 192 -3.94 3.71 -11.65
N MET A 193 -3.56 3.14 -10.52
CA MET A 193 -3.15 1.72 -10.53
C MET A 193 -4.37 0.86 -10.16
N PHE A 194 -5.39 1.51 -9.63
CA PHE A 194 -6.60 0.85 -9.21
C PHE A 194 -7.76 1.72 -9.59
N TYR A 195 -8.90 1.11 -9.87
CA TYR A 195 -10.09 1.84 -10.24
C TYR A 195 -11.28 1.01 -9.84
N ASP A 196 -11.88 1.30 -8.69
CA ASP A 196 -13.02 0.53 -8.22
C ASP A 196 -14.25 1.16 -8.87
N GLY A 197 -14.42 0.88 -10.14
CA GLY A 197 -15.54 1.42 -10.88
C GLY A 197 -15.70 0.72 -12.21
N TRP A 198 -16.63 1.21 -13.02
CA TRP A 198 -16.95 0.63 -14.32
C TRP A 198 -16.71 1.61 -15.43
N ALA A 199 -16.71 1.08 -16.64
CA ALA A 199 -16.51 1.89 -17.82
C ALA A 199 -17.83 2.48 -18.24
N ARG A 200 -18.93 1.84 -17.91
CA ARG A 200 -20.22 2.36 -18.36
C ARG A 200 -21.03 2.81 -17.19
N PHE A 201 -21.80 3.85 -17.38
CA PHE A 201 -22.58 4.36 -16.26
C PHE A 201 -23.61 3.39 -15.76
N ASP A 202 -24.00 2.43 -16.58
CA ASP A 202 -25.00 1.44 -16.15
C ASP A 202 -24.39 0.21 -15.45
N LYS A 203 -23.08 0.27 -15.26
CA LYS A 203 -22.30 -0.77 -14.61
C LYS A 203 -22.22 -2.10 -15.38
N GLN A 204 -22.86 -2.15 -16.55
CA GLN A 204 -22.77 -3.35 -17.38
C GLN A 204 -21.42 -3.17 -18.02
N GLY A 205 -20.81 -4.25 -18.47
CA GLY A 205 -19.51 -4.10 -19.10
C GLY A 205 -18.35 -4.36 -18.16
N THR A 206 -17.18 -3.88 -18.54
CA THR A 206 -16.01 -4.15 -17.72
C THR A 206 -16.01 -3.39 -16.41
N TYR A 207 -15.31 -3.96 -15.44
CA TYR A 207 -15.18 -3.41 -14.11
C TYR A 207 -13.71 -3.50 -13.75
N GLY A 208 -13.19 -2.51 -13.03
CA GLY A 208 -11.79 -2.58 -12.65
C GLY A 208 -10.77 -1.81 -13.46
N ILE A 209 -9.51 -1.96 -13.05
CA ILE A 209 -8.43 -1.25 -13.69
C ILE A 209 -8.38 -1.23 -15.21
N SER A 210 -8.89 -2.27 -15.86
CA SER A 210 -8.83 -2.29 -17.31
C SER A 210 -9.69 -1.22 -17.95
N THR A 211 -10.65 -0.66 -17.23
CA THR A 211 -11.47 0.35 -17.89
C THR A 211 -10.66 1.57 -18.33
N LEU A 212 -9.59 1.85 -17.59
CA LEU A 212 -8.72 2.97 -17.84
C LEU A 212 -7.66 2.74 -18.89
N ASN A 213 -7.23 1.51 -19.00
CA ASN A 213 -6.17 1.11 -19.93
C ASN A 213 -6.36 1.38 -21.44
N ASN A 214 -5.77 2.46 -21.95
CA ASN A 214 -5.84 2.77 -23.39
C ASN A 214 -4.58 3.55 -23.83
N MET A 215 -3.43 2.90 -23.76
CA MET A 215 -2.16 3.51 -24.07
C MET A 215 -1.59 3.17 -25.41
N GLY A 216 -2.39 2.57 -26.29
CA GLY A 216 -1.84 2.25 -27.59
C GLY A 216 -1.18 0.87 -27.70
N THR A 217 -0.61 0.65 -28.88
CA THR A 217 0.01 -0.61 -29.25
C THR A 217 1.35 -0.44 -29.91
N LEU A 218 2.26 -1.37 -29.66
CA LEU A 218 3.56 -1.33 -30.27
C LEU A 218 3.50 -2.38 -31.38
N TYR A 219 4.21 -2.14 -32.48
CA TYR A 219 4.27 -3.05 -33.60
C TYR A 219 5.69 -3.21 -34.04
N MET A 220 6.16 -4.44 -34.17
CA MET A 220 7.53 -4.63 -34.61
C MET A 220 7.63 -5.55 -35.80
N ARG A 221 8.72 -5.42 -36.53
CA ARG A 221 8.94 -6.23 -37.71
C ARG A 221 10.39 -6.15 -38.10
N HIS A 222 10.79 -6.97 -39.05
CA HIS A 222 12.14 -6.97 -39.58
C HIS A 222 11.98 -6.03 -40.72
N VAL A 223 13.05 -5.38 -41.14
CA VAL A 223 12.93 -4.47 -42.26
C VAL A 223 13.44 -5.19 -43.49
N ASN A 224 14.59 -5.84 -43.37
CA ASN A 224 15.15 -6.55 -44.51
C ASN A 224 14.18 -7.68 -44.71
N ASP A 225 13.71 -7.88 -45.96
CA ASP A 225 12.77 -8.95 -46.21
C ASP A 225 13.37 -10.35 -46.08
N GLY A 226 12.51 -11.34 -45.82
CA GLY A 226 12.89 -12.72 -45.63
C GLY A 226 13.89 -13.39 -46.55
N GLY A 227 14.94 -13.93 -45.93
CA GLY A 227 16.00 -14.61 -46.66
C GLY A 227 15.72 -16.10 -46.67
N PRO A 228 16.62 -16.90 -47.25
CA PRO A 228 16.47 -18.35 -47.31
C PRO A 228 16.15 -18.97 -45.96
N GLY A 229 17.13 -18.95 -45.06
CA GLY A 229 16.96 -19.54 -43.74
C GLY A 229 16.02 -18.76 -42.85
N PRO A 230 15.23 -19.47 -42.05
CA PRO A 230 14.30 -18.82 -41.13
C PRO A 230 15.03 -18.28 -39.92
N ILE A 231 14.59 -17.12 -39.47
CA ILE A 231 15.16 -16.48 -38.30
C ILE A 231 14.04 -15.98 -37.44
N VAL A 232 14.22 -16.10 -36.14
CA VAL A 232 13.22 -15.65 -35.20
C VAL A 232 13.91 -14.61 -34.35
N SER A 233 13.22 -13.49 -34.11
CA SER A 233 13.80 -12.47 -33.25
C SER A 233 12.85 -12.23 -32.11
N THR A 234 13.41 -11.98 -30.92
CA THR A 234 12.60 -11.68 -29.74
C THR A 234 12.88 -10.23 -29.33
N VAL A 235 11.82 -9.51 -28.99
CA VAL A 235 11.94 -8.16 -28.54
C VAL A 235 11.55 -8.09 -27.09
N ARG A 236 12.52 -7.77 -26.24
CA ARG A 236 12.27 -7.59 -24.82
C ARG A 236 12.11 -6.09 -24.57
N ILE A 237 11.03 -5.74 -23.87
CA ILE A 237 10.70 -4.36 -23.57
C ILE A 237 10.93 -3.97 -22.13
N TYR A 238 11.71 -2.91 -21.94
CA TYR A 238 11.99 -2.43 -20.61
C TYR A 238 11.37 -1.09 -20.23
N PHE A 239 10.81 -1.00 -19.03
CA PHE A 239 10.23 0.24 -18.58
C PHE A 239 11.02 0.74 -17.40
N LYS A 240 11.27 2.04 -17.38
CA LYS A 240 11.96 2.64 -16.27
C LYS A 240 11.29 3.95 -15.93
N PRO A 241 10.51 3.96 -14.84
CA PRO A 241 9.86 5.20 -14.45
C PRO A 241 10.92 6.23 -14.03
N LYS A 242 10.67 7.49 -14.34
CA LYS A 242 11.59 8.59 -14.02
C LYS A 242 10.76 9.74 -13.60
N HIS A 243 11.31 10.61 -12.74
CA HIS A 243 10.58 11.81 -12.34
C HIS A 243 9.23 11.39 -11.78
N VAL A 244 9.34 10.52 -10.80
CA VAL A 244 8.22 9.89 -10.13
C VAL A 244 7.52 10.64 -9.00
N LYS A 245 6.20 10.56 -8.99
CA LYS A 245 5.41 11.16 -7.93
C LYS A 245 4.40 10.09 -7.66
N THR A 246 4.20 9.76 -6.39
CA THR A 246 3.27 8.70 -6.03
C THR A 246 2.40 9.06 -4.85
N TRP A 247 1.09 8.77 -4.93
CA TRP A 247 0.15 9.05 -3.85
C TRP A 247 -0.61 7.81 -3.37
N VAL A 248 -1.12 7.91 -2.14
CA VAL A 248 -1.91 6.89 -1.47
C VAL A 248 -1.32 5.48 -1.49
N PRO A 249 -0.32 5.24 -0.63
CA PRO A 249 0.35 3.96 -0.51
C PRO A 249 -0.64 2.94 -0.04
N ARG A 250 -0.41 1.71 -0.47
CA ARG A 250 -1.28 0.60 -0.11
C ARG A 250 -0.47 -0.64 0.27
N PRO A 251 -1.13 -1.65 0.85
CA PRO A 251 -0.41 -2.86 1.23
C PRO A 251 0.13 -3.54 0.01
N PRO A 252 1.29 -4.15 0.16
CA PRO A 252 1.91 -4.86 -0.97
C PRO A 252 1.04 -6.09 -1.33
N ARG A 253 1.02 -6.48 -2.60
CA ARG A 253 0.21 -7.64 -3.05
C ARG A 253 0.66 -8.90 -2.34
N LEU A 254 -0.28 -9.58 -1.70
CA LEU A 254 -0.05 -10.82 -0.94
C LEU A 254 -0.21 -12.03 -1.84
N CYS A 255 -1.44 -12.22 -2.31
CA CYS A 255 -1.81 -13.28 -3.21
C CYS A 255 -1.10 -13.10 -4.52
N GLN A 256 -0.70 -14.19 -5.17
CA GLN A 256 -0.05 -14.08 -6.46
C GLN A 256 -1.04 -13.56 -7.46
N TYR A 257 -0.53 -13.11 -8.60
CA TYR A 257 -1.41 -12.58 -9.62
C TYR A 257 -1.99 -13.70 -10.44
N GLN A 258 -3.19 -13.50 -10.97
CA GLN A 258 -3.80 -14.52 -11.81
C GLN A 258 -4.09 -13.97 -13.19
N LYS A 259 -4.62 -12.76 -13.22
CA LYS A 259 -4.99 -12.13 -14.47
C LYS A 259 -4.36 -10.77 -14.62
N ALA A 260 -4.11 -10.38 -15.86
CA ALA A 260 -3.53 -9.10 -16.15
C ALA A 260 -4.54 -7.98 -16.06
N GLY A 261 -5.81 -8.24 -16.40
CA GLY A 261 -6.81 -7.19 -16.35
C GLY A 261 -7.64 -6.93 -15.10
N ASN A 262 -7.28 -7.56 -13.99
CA ASN A 262 -8.04 -7.38 -12.76
C ASN A 262 -7.25 -7.88 -11.57
N VAL A 263 -7.84 -7.75 -10.39
CA VAL A 263 -7.14 -8.14 -9.19
C VAL A 263 -7.41 -9.55 -8.69
N ASN A 264 -8.15 -10.32 -9.49
CA ASN A 264 -8.55 -11.67 -9.10
C ASN A 264 -7.44 -12.49 -8.45
N PHE A 265 -7.81 -13.10 -7.33
CA PHE A 265 -6.85 -13.86 -6.56
C PHE A 265 -7.45 -15.08 -5.88
N GLU A 266 -6.55 -15.97 -5.47
CA GLU A 266 -6.92 -17.19 -4.77
C GLU A 266 -6.62 -16.86 -3.32
N PRO A 267 -7.59 -16.99 -2.41
CA PRO A 267 -7.26 -16.66 -1.03
C PRO A 267 -5.97 -17.30 -0.56
N THR A 268 -5.23 -16.58 0.26
CA THR A 268 -3.99 -17.13 0.73
C THR A 268 -3.65 -16.67 2.12
N GLY A 269 -2.95 -17.52 2.83
CA GLY A 269 -2.59 -17.24 4.19
C GLY A 269 -1.71 -16.02 4.32
N VAL A 270 -2.02 -15.35 5.41
CA VAL A 270 -1.42 -14.13 5.90
C VAL A 270 0.13 -14.26 6.04
N THR A 271 0.63 -15.42 6.45
CA THR A 271 2.08 -15.74 6.53
C THR A 271 2.28 -17.25 6.54
N GLU A 272 3.53 -17.65 6.69
CA GLU A 272 3.89 -19.04 6.81
C GLU A 272 3.59 -19.29 8.26
N GLY A 273 3.48 -20.54 8.64
CA GLY A 273 3.18 -20.83 10.02
C GLY A 273 4.38 -21.39 10.70
N ARG A 274 4.25 -21.59 12.01
CA ARG A 274 5.29 -22.15 12.83
C ARG A 274 4.54 -23.03 13.85
N THR A 275 5.27 -23.82 14.63
CA THR A 275 4.64 -24.71 15.58
C THR A 275 3.82 -24.10 16.73
N ASP A 276 4.33 -23.07 17.42
CA ASP A 276 3.59 -22.39 18.50
C ASP A 276 3.98 -20.91 18.61
N ILE A 277 3.23 -20.13 19.40
CA ILE A 277 3.58 -18.71 19.56
C ILE A 277 4.87 -18.58 20.34
N THR A 278 5.51 -19.71 20.62
CA THR A 278 6.73 -19.66 21.40
C THR A 278 8.05 -20.01 20.71
N THR A 279 7.93 -20.44 19.45
CA THR A 279 9.05 -20.89 18.63
C THR A 279 9.93 -19.81 18.08
N MET A 280 11.20 -19.85 18.49
CA MET A 280 12.18 -18.90 17.99
C MET A 280 12.78 -19.38 16.68
N LYS A 281 12.49 -20.60 16.27
CA LYS A 281 13.08 -21.11 15.04
C LYS A 281 12.56 -20.43 13.78
N THR A 282 13.41 -19.56 13.24
CA THR A 282 13.07 -18.84 12.03
C THR A 282 13.08 -19.81 10.83
N THR A 283 11.86 -19.92 10.31
CA THR A 283 11.39 -20.75 9.18
C THR A 283 12.34 -21.11 8.02
N SER B 10 -11.65 17.91 30.23
CA SER B 10 -12.54 17.25 29.21
C SER B 10 -11.64 16.78 28.03
N ASP B 11 -12.26 16.12 27.04
CA ASP B 11 -11.62 15.64 25.77
C ASP B 11 -11.44 14.13 25.50
N ARG B 12 -12.60 13.58 25.14
CA ARG B 12 -12.91 12.19 24.83
C ARG B 12 -14.39 12.31 24.41
N VAL B 13 -15.00 13.39 24.88
CA VAL B 13 -16.37 13.77 24.57
C VAL B 13 -16.23 14.48 23.22
N ARG B 14 -17.32 14.65 22.49
CA ARG B 14 -17.27 15.32 21.18
C ARG B 14 -18.64 15.68 20.61
N SER B 15 -18.71 16.80 19.88
CA SER B 15 -19.97 17.21 19.27
C SER B 15 -19.73 17.72 17.83
N ILE B 16 -20.42 17.17 16.84
CA ILE B 16 -20.24 17.61 15.46
C ILE B 16 -21.55 18.01 14.83
N THR B 17 -21.62 19.23 14.31
CA THR B 17 -22.86 19.69 13.71
C THR B 17 -22.67 19.95 12.25
N LEU B 18 -23.49 19.33 11.43
CA LEU B 18 -23.43 19.56 10.01
C LEU B 18 -24.88 19.71 9.66
N GLY B 19 -25.21 20.75 8.93
CA GLY B 19 -26.59 20.95 8.54
C GLY B 19 -27.47 21.05 9.74
N ASN B 20 -28.55 20.28 9.75
CA ASN B 20 -29.51 20.27 10.83
C ASN B 20 -29.29 19.02 11.67
N SER B 21 -28.07 18.52 11.67
CA SER B 21 -27.81 17.33 12.42
C SER B 21 -26.57 17.40 13.31
N THR B 22 -26.73 16.93 14.54
CA THR B 22 -25.61 16.92 15.45
C THR B 22 -25.39 15.54 15.98
N ILE B 23 -24.12 15.21 16.13
CA ILE B 23 -23.68 13.94 16.63
C ILE B 23 -22.94 14.25 17.91
N THR B 24 -23.11 13.44 18.94
CA THR B 24 -22.36 13.68 20.15
C THR B 24 -21.75 12.36 20.53
N THR B 25 -20.59 12.39 21.16
CA THR B 25 -19.94 11.19 21.61
C THR B 25 -19.46 11.38 23.01
N GLN B 26 -19.58 10.30 23.77
CA GLN B 26 -19.19 10.28 25.15
C GLN B 26 -17.77 9.78 25.37
N GLU B 27 -17.33 8.87 24.50
CA GLU B 27 -15.99 8.32 24.56
C GLU B 27 -15.47 7.98 23.18
N CYS B 28 -14.64 8.88 22.65
CA CYS B 28 -14.01 8.74 21.35
C CYS B 28 -12.48 8.76 21.56
N ALA B 29 -11.75 8.86 20.47
CA ALA B 29 -10.31 8.98 20.52
C ALA B 29 -10.21 10.42 19.97
N ASN B 30 -9.39 10.65 18.95
CA ASN B 30 -9.40 11.96 18.38
C ASN B 30 -10.37 11.72 17.25
N VAL B 31 -10.15 12.42 16.17
CA VAL B 31 -10.94 12.27 14.98
C VAL B 31 -9.81 12.06 14.01
N VAL B 32 -9.80 11.00 13.23
CA VAL B 32 -8.71 10.84 12.29
C VAL B 32 -9.08 11.64 11.09
N VAL B 33 -8.13 12.41 10.59
CA VAL B 33 -8.38 13.20 9.40
C VAL B 33 -7.60 12.68 8.22
N GLY B 34 -8.34 12.39 7.15
CA GLY B 34 -7.82 11.96 5.87
C GLY B 34 -6.37 11.71 5.86
N TYR B 35 -5.66 12.28 4.91
CA TYR B 35 -4.23 12.06 4.95
C TYR B 35 -3.73 13.39 5.45
N GLY B 36 -4.36 13.82 6.54
CA GLY B 36 -4.04 15.11 7.12
C GLY B 36 -4.75 16.25 6.39
N VAL B 37 -5.34 15.93 5.25
CA VAL B 37 -6.05 16.91 4.46
C VAL B 37 -7.51 17.01 4.87
N TRP B 38 -8.00 18.22 4.96
CA TRP B 38 -9.38 18.43 5.34
C TRP B 38 -10.09 18.75 4.03
N PRO B 39 -11.35 18.30 3.88
CA PRO B 39 -12.06 18.56 2.63
C PRO B 39 -12.30 20.03 2.29
N THR B 40 -12.28 20.35 1.00
CA THR B 40 -12.49 21.71 0.47
C THR B 40 -12.98 21.71 -0.96
N TYR B 41 -13.73 22.72 -1.34
CA TYR B 41 -14.23 22.80 -2.71
C TYR B 41 -13.10 22.89 -3.73
N LEU B 42 -13.42 22.57 -4.98
CA LEU B 42 -12.45 22.57 -6.06
C LEU B 42 -12.05 23.98 -6.45
N LYS B 43 -10.73 24.14 -6.60
CA LYS B 43 -10.10 25.42 -6.94
C LYS B 43 -10.08 25.67 -8.43
N ASP B 44 -10.21 26.93 -8.82
CA ASP B 44 -10.18 27.27 -10.23
C ASP B 44 -8.94 26.77 -10.94
N GLU B 45 -7.84 26.61 -10.23
CA GLU B 45 -6.60 26.15 -10.86
C GLU B 45 -6.56 24.66 -11.07
N GLU B 46 -7.46 23.98 -10.38
CA GLU B 46 -7.51 22.54 -10.48
C GLU B 46 -8.65 21.98 -11.27
N ALA B 47 -9.55 22.90 -11.61
CA ALA B 47 -10.76 22.59 -12.34
C ALA B 47 -10.58 22.42 -13.84
N THR B 48 -11.44 21.59 -14.43
CA THR B 48 -11.47 21.43 -15.86
C THR B 48 -12.89 21.62 -16.45
N ALA B 49 -13.92 21.11 -15.75
CA ALA B 49 -15.30 21.28 -16.20
C ALA B 49 -15.61 22.73 -15.97
N GLU B 50 -16.06 23.38 -17.02
CA GLU B 50 -16.33 24.80 -17.04
C GLU B 50 -17.63 25.33 -16.59
N ASP B 51 -18.62 24.49 -16.39
CA ASP B 51 -19.90 25.04 -16.00
C ASP B 51 -19.90 25.39 -14.53
N GLN B 52 -20.74 26.34 -14.17
CA GLN B 52 -20.85 26.75 -12.79
C GLN B 52 -21.48 25.60 -11.98
N PRO B 53 -20.77 25.13 -10.93
CA PRO B 53 -21.23 24.04 -10.06
C PRO B 53 -22.38 24.40 -9.13
N THR B 54 -23.05 23.40 -8.58
CA THR B 54 -24.13 23.66 -7.63
C THR B 54 -23.41 23.26 -6.41
N GLN B 55 -23.66 23.99 -5.35
CA GLN B 55 -23.05 23.62 -4.11
C GLN B 55 -24.20 23.75 -3.18
N PRO B 56 -25.10 22.74 -3.17
CA PRO B 56 -26.21 22.90 -2.21
C PRO B 56 -25.40 22.84 -0.94
N ASP B 57 -25.95 23.11 0.22
CA ASP B 57 -24.94 22.94 1.24
C ASP B 57 -25.39 22.22 2.43
N VAL B 58 -26.23 22.91 3.16
CA VAL B 58 -26.77 22.41 4.37
C VAL B 58 -27.78 21.28 4.06
N ALA B 59 -28.27 21.25 2.83
CA ALA B 59 -29.26 20.26 2.38
C ALA B 59 -28.67 18.98 1.91
N THR B 60 -27.37 18.96 1.80
CA THR B 60 -26.70 17.83 1.25
C THR B 60 -25.52 17.39 2.11
N CYS B 61 -24.90 18.33 2.80
CA CYS B 61 -23.78 18.03 3.64
C CYS B 61 -24.32 17.99 5.05
N ARG B 62 -24.92 16.86 5.41
CA ARG B 62 -25.51 16.63 6.73
C ARG B 62 -25.33 15.16 7.04
N PHE B 63 -25.69 14.77 8.24
CA PHE B 63 -25.55 13.37 8.64
C PHE B 63 -26.68 12.41 8.25
N TYR B 64 -26.34 11.43 7.42
CA TYR B 64 -27.27 10.41 6.96
C TYR B 64 -26.95 9.17 7.75
N THR B 65 -27.95 8.58 8.39
CA THR B 65 -27.69 7.36 9.17
C THR B 65 -28.13 6.10 8.40
N LEU B 66 -27.17 5.27 8.04
CA LEU B 66 -27.45 4.04 7.30
C LEU B 66 -28.08 2.98 8.18
N GLU B 67 -28.47 1.87 7.57
CA GLU B 67 -29.04 0.74 8.28
C GLU B 67 -28.05 0.24 9.31
N SER B 68 -28.56 -0.28 10.43
CA SER B 68 -27.66 -0.79 11.45
C SER B 68 -27.36 -2.23 11.11
N VAL B 69 -26.39 -2.80 11.80
CA VAL B 69 -25.95 -4.15 11.54
C VAL B 69 -25.70 -4.76 12.93
N MET B 70 -25.87 -6.06 13.10
CA MET B 70 -25.60 -6.62 14.44
C MET B 70 -24.27 -7.35 14.47
N TRP B 71 -23.48 -7.07 15.49
CA TRP B 71 -22.20 -7.71 15.65
C TRP B 71 -22.49 -8.96 16.48
N GLN B 72 -22.00 -10.09 15.98
CA GLN B 72 -22.16 -11.37 16.63
C GLN B 72 -20.80 -11.94 16.74
N GLN B 73 -20.64 -12.94 17.59
CA GLN B 73 -19.32 -13.52 17.80
C GLN B 73 -18.69 -14.24 16.65
N SER B 74 -19.39 -14.29 15.53
CA SER B 74 -18.93 -14.98 14.33
C SER B 74 -18.79 -14.08 13.10
N SER B 75 -19.23 -12.83 13.23
CA SER B 75 -19.16 -11.88 12.14
C SER B 75 -17.71 -11.68 11.73
N PRO B 76 -17.41 -11.85 10.44
CA PRO B 76 -16.06 -11.69 9.91
C PRO B 76 -15.78 -10.20 9.61
N GLY B 77 -16.84 -9.47 9.26
CA GLY B 77 -16.76 -8.06 8.95
C GLY B 77 -17.80 -7.61 7.93
N TRP B 78 -17.87 -6.29 7.68
CA TRP B 78 -18.82 -5.70 6.75
C TRP B 78 -18.13 -4.63 5.95
N TRP B 79 -18.75 -4.20 4.86
CA TRP B 79 -18.19 -3.14 4.07
C TRP B 79 -19.23 -2.41 3.29
N TRP B 80 -19.02 -1.13 3.04
CA TRP B 80 -19.97 -0.31 2.30
C TRP B 80 -19.17 0.50 1.31
N LYS B 81 -19.74 0.80 0.15
CA LYS B 81 -19.01 1.60 -0.82
C LYS B 81 -19.63 3.01 -0.96
N PHE B 82 -18.80 4.06 -0.93
CA PHE B 82 -19.23 5.45 -1.03
C PHE B 82 -18.79 5.90 -2.41
N PRO B 83 -19.59 6.70 -3.08
CA PRO B 83 -20.89 7.35 -2.85
C PRO B 83 -22.06 6.38 -2.85
N ASP B 84 -21.88 5.18 -3.47
CA ASP B 84 -23.00 4.25 -3.54
C ASP B 84 -23.89 4.21 -2.31
N ALA B 85 -23.32 4.00 -1.14
CA ALA B 85 -24.16 3.93 0.03
C ALA B 85 -25.08 5.10 0.24
N LEU B 86 -24.74 6.24 -0.33
CA LEU B 86 -25.57 7.41 -0.13
C LEU B 86 -26.47 7.78 -1.30
N SER B 87 -26.47 6.97 -2.35
CA SER B 87 -27.24 7.28 -3.56
C SER B 87 -28.73 7.42 -3.40
N ASN B 88 -29.24 7.07 -2.25
CA ASN B 88 -30.65 7.19 -2.03
C ASN B 88 -31.00 8.07 -0.88
N MET B 89 -29.99 8.71 -0.30
CA MET B 89 -30.22 9.58 0.82
C MET B 89 -30.57 11.01 0.41
N GLY B 90 -31.84 11.35 0.65
CA GLY B 90 -32.35 12.67 0.38
C GLY B 90 -31.82 13.43 -0.80
N LEU B 91 -31.45 14.69 -0.57
CA LEU B 91 -30.96 15.52 -1.66
C LEU B 91 -29.58 15.20 -2.17
N PHE B 92 -28.78 14.51 -1.38
CA PHE B 92 -27.46 14.15 -1.80
C PHE B 92 -27.67 13.17 -2.94
N GLY B 93 -28.60 12.27 -2.75
CA GLY B 93 -28.90 11.31 -3.77
C GLY B 93 -29.53 11.96 -4.98
N GLN B 94 -30.44 12.90 -4.78
CA GLN B 94 -31.08 13.53 -5.91
C GLN B 94 -30.07 14.30 -6.74
N ASN B 95 -29.07 14.90 -6.10
CA ASN B 95 -28.07 15.65 -6.85
C ASN B 95 -27.21 14.72 -7.63
N MET B 96 -26.96 13.54 -7.09
CA MET B 96 -26.16 12.55 -7.82
C MET B 96 -26.83 12.15 -9.12
N GLN B 97 -28.16 12.07 -9.09
CA GLN B 97 -28.88 11.66 -10.27
C GLN B 97 -28.89 12.63 -11.41
N TYR B 98 -29.12 13.90 -11.08
CA TYR B 98 -29.18 14.93 -12.10
C TYR B 98 -27.86 15.41 -12.66
N HIS B 99 -26.75 14.98 -12.06
CA HIS B 99 -25.44 15.43 -12.49
C HIS B 99 -24.46 14.41 -13.00
N TYR B 100 -23.83 14.75 -14.12
CA TYR B 100 -22.82 13.93 -14.74
C TYR B 100 -21.63 13.77 -13.81
N LEU B 101 -21.21 14.89 -13.21
CA LEU B 101 -20.05 14.98 -12.31
C LEU B 101 -20.40 15.44 -10.93
N GLY B 102 -19.56 15.08 -9.99
CA GLY B 102 -19.73 15.49 -8.62
C GLY B 102 -18.50 15.14 -7.83
N ARG B 103 -18.32 15.78 -6.67
CA ARG B 103 -17.21 15.45 -5.77
C ARG B 103 -17.57 15.83 -4.38
N ALA B 104 -17.04 15.13 -3.40
CA ALA B 104 -17.35 15.45 -2.03
C ALA B 104 -16.41 14.76 -1.07
N GLY B 105 -16.37 15.23 0.17
CA GLY B 105 -15.56 14.61 1.20
C GLY B 105 -16.59 14.10 2.17
N TYR B 106 -16.21 13.40 3.23
CA TYR B 106 -17.21 12.90 4.16
C TYR B 106 -16.67 12.82 5.55
N THR B 107 -17.56 12.96 6.53
CA THR B 107 -17.17 12.74 7.92
C THR B 107 -17.95 11.45 8.20
N ILE B 108 -17.21 10.40 8.53
CA ILE B 108 -17.79 9.09 8.81
C ILE B 108 -17.75 8.83 10.28
N HIS B 109 -18.88 8.50 10.87
CA HIS B 109 -18.95 8.24 12.31
C HIS B 109 -19.58 6.87 12.53
N VAL B 110 -18.76 5.90 12.91
CA VAL B 110 -19.22 4.55 13.18
C VAL B 110 -19.54 4.38 14.68
N GLN B 111 -20.75 3.97 15.00
CA GLN B 111 -21.17 3.82 16.39
C GLN B 111 -21.34 2.38 16.88
N CYS B 112 -20.96 2.11 18.12
CA CYS B 112 -21.10 0.79 18.71
C CYS B 112 -20.85 0.77 20.20
N ASN B 113 -21.91 0.80 21.00
CA ASN B 113 -21.73 0.76 22.45
C ASN B 113 -22.01 -0.63 22.96
N ALA B 114 -21.23 -1.03 23.96
CA ALA B 114 -21.35 -2.33 24.59
C ALA B 114 -21.41 -2.12 26.10
N SER B 115 -20.63 -2.82 26.93
CA SER B 115 -20.93 -2.61 28.33
C SER B 115 -19.95 -2.44 29.44
N LYS B 116 -18.75 -3.00 29.31
CA LYS B 116 -17.67 -2.96 30.32
C LYS B 116 -17.42 -4.38 30.64
N PHE B 117 -18.46 -5.18 30.45
CA PHE B 117 -18.31 -6.60 30.65
C PHE B 117 -18.18 -7.30 29.29
N HIS B 118 -18.46 -6.53 28.24
CA HIS B 118 -18.29 -6.97 26.88
C HIS B 118 -16.86 -6.66 26.44
N GLN B 119 -16.43 -7.28 25.35
CA GLN B 119 -15.11 -7.09 24.81
C GLN B 119 -15.11 -7.33 23.32
N GLY B 120 -14.13 -6.75 22.63
CA GLY B 120 -14.09 -6.89 21.19
C GLY B 120 -13.41 -5.68 20.64
N CYS B 121 -12.98 -5.75 19.40
CA CYS B 121 -12.26 -4.65 18.82
C CYS B 121 -12.41 -4.68 17.30
N LEU B 122 -12.91 -3.57 16.76
CA LEU B 122 -13.13 -3.43 15.33
C LEU B 122 -12.10 -2.55 14.65
N LEU B 123 -11.76 -2.84 13.41
CA LEU B 123 -10.89 -1.99 12.65
C LEU B 123 -11.90 -1.21 11.80
N VAL B 124 -11.78 0.11 11.75
CA VAL B 124 -12.70 0.91 10.91
C VAL B 124 -11.77 1.62 9.96
N VAL B 125 -11.81 1.23 8.69
CA VAL B 125 -10.92 1.78 7.68
C VAL B 125 -11.67 2.29 6.49
N CYS B 126 -11.05 3.23 5.81
CA CYS B 126 -11.62 3.75 4.59
C CYS B 126 -10.58 3.48 3.58
N VAL B 127 -10.90 2.59 2.66
CA VAL B 127 -9.94 2.24 1.65
C VAL B 127 -10.21 2.93 0.34
N PRO B 128 -9.36 3.90 -0.02
CA PRO B 128 -9.63 4.58 -1.29
C PRO B 128 -9.38 3.60 -2.43
N GLU B 129 -10.22 3.67 -3.47
CA GLU B 129 -10.12 2.84 -4.66
C GLU B 129 -9.96 1.34 -4.30
N ALA B 130 -11.01 0.71 -3.75
CA ALA B 130 -10.92 -0.70 -3.34
C ALA B 130 -11.42 -1.71 -4.37
N GLU B 131 -10.72 -1.83 -5.48
CA GLU B 131 -11.05 -2.77 -6.54
C GLU B 131 -11.03 -4.13 -5.90
N MET B 132 -12.07 -4.90 -6.14
CA MET B 132 -12.21 -6.21 -5.56
C MET B 132 -12.15 -7.36 -6.55
N GLY B 133 -11.66 -8.49 -6.03
CA GLY B 133 -11.52 -9.68 -6.84
C GLY B 133 -12.73 -10.57 -6.85
N CYS B 134 -12.89 -11.28 -7.95
CA CYS B 134 -14.01 -12.19 -8.10
C CYS B 134 -13.63 -13.48 -7.41
N ALA B 135 -14.66 -14.20 -6.98
CA ALA B 135 -14.50 -15.47 -6.30
C ALA B 135 -13.98 -16.48 -7.32
N THR B 136 -14.49 -16.40 -8.54
CA THR B 136 -14.05 -17.28 -9.62
C THR B 136 -13.14 -16.43 -10.52
N LEU B 137 -11.89 -16.85 -10.64
CA LEU B 137 -10.89 -16.13 -11.37
C LEU B 137 -11.17 -15.62 -12.75
N ALA B 138 -11.98 -16.30 -13.53
CA ALA B 138 -12.19 -15.80 -14.89
C ALA B 138 -13.35 -14.84 -15.07
N ASN B 139 -13.97 -14.41 -13.98
CA ASN B 139 -15.09 -13.49 -14.08
C ASN B 139 -14.85 -12.22 -13.30
N LYS B 140 -15.80 -11.31 -13.47
CA LYS B 140 -15.75 -10.05 -12.80
C LYS B 140 -16.93 -10.10 -11.83
N PRO B 141 -16.77 -9.59 -10.61
CA PRO B 141 -17.93 -9.65 -9.71
C PRO B 141 -19.05 -8.79 -10.25
N ASP B 142 -20.26 -9.01 -9.77
CA ASP B 142 -21.32 -8.20 -10.29
C ASP B 142 -21.67 -7.05 -9.37
N PRO B 143 -22.16 -5.96 -9.94
CA PRO B 143 -22.55 -4.75 -9.20
C PRO B 143 -23.06 -4.98 -7.80
N LYS B 144 -23.96 -5.94 -7.64
CA LYS B 144 -24.51 -6.20 -6.34
C LYS B 144 -23.57 -6.94 -5.40
N SER B 145 -22.65 -7.73 -5.92
CA SER B 145 -21.73 -8.41 -5.00
C SER B 145 -20.75 -7.35 -4.48
N LEU B 146 -20.57 -6.30 -5.29
CA LEU B 146 -19.69 -5.21 -4.97
C LEU B 146 -20.33 -4.26 -3.99
N SER B 147 -21.56 -3.83 -4.26
CA SER B 147 -22.24 -2.93 -3.35
C SER B 147 -23.75 -3.10 -3.32
N LYS B 148 -24.29 -3.32 -2.12
CA LYS B 148 -25.71 -3.48 -1.90
C LYS B 148 -26.29 -2.13 -1.40
N GLY B 149 -25.68 -1.02 -1.81
CA GLY B 149 -26.18 0.30 -1.42
C GLY B 149 -25.95 0.63 0.02
N GLU B 150 -26.99 1.03 0.74
CA GLU B 150 -26.89 1.36 2.16
C GLU B 150 -26.85 0.09 3.01
N ILE B 151 -26.94 -1.06 2.36
CA ILE B 151 -26.91 -2.32 3.06
C ILE B 151 -25.52 -2.90 2.95
N ALA B 152 -24.96 -3.16 4.11
CA ALA B 152 -23.63 -3.71 4.17
C ALA B 152 -23.50 -5.04 3.50
N ASN B 153 -22.35 -5.28 2.90
CA ASN B 153 -22.04 -6.57 2.34
C ASN B 153 -21.22 -7.15 3.46
N MET B 154 -20.94 -8.44 3.42
CA MET B 154 -20.20 -9.04 4.51
C MET B 154 -19.05 -9.84 4.05
N PHE B 155 -18.02 -9.86 4.86
CA PHE B 155 -16.88 -10.64 4.52
C PHE B 155 -17.27 -12.01 5.07
N GLU B 156 -16.46 -13.02 4.76
CA GLU B 156 -16.71 -14.38 5.20
C GLU B 156 -15.46 -14.90 5.80
N SER B 157 -15.57 -15.92 6.65
CA SER B 157 -14.41 -16.53 7.29
C SER B 157 -13.92 -17.80 6.58
N GLN B 158 -14.20 -17.90 5.28
CA GLN B 158 -13.81 -19.04 4.44
C GLN B 158 -13.89 -18.58 2.98
N ASN B 159 -13.20 -19.24 2.06
CA ASN B 159 -13.24 -18.80 0.67
C ASN B 159 -14.63 -18.73 0.12
N SER B 160 -15.01 -17.58 -0.42
CA SER B 160 -16.32 -17.50 -0.99
C SER B 160 -16.25 -18.20 -2.33
N THR B 161 -17.38 -18.77 -2.72
CA THR B 161 -17.53 -19.47 -3.99
C THR B 161 -18.72 -18.74 -4.53
N GLY B 162 -18.81 -18.68 -5.84
CA GLY B 162 -19.92 -17.96 -6.42
C GLY B 162 -19.43 -17.80 -7.81
N GLU B 163 -20.30 -17.67 -8.78
CA GLU B 163 -19.77 -17.59 -10.12
C GLU B 163 -19.52 -16.15 -10.53
N THR B 164 -19.97 -15.25 -9.68
CA THR B 164 -19.88 -13.84 -10.00
C THR B 164 -19.79 -13.02 -8.70
N ALA B 165 -19.45 -13.72 -7.61
CA ALA B 165 -19.34 -13.13 -6.30
C ALA B 165 -17.95 -12.58 -6.08
N VAL B 166 -17.84 -11.76 -5.05
CA VAL B 166 -16.60 -11.15 -4.67
C VAL B 166 -15.92 -12.14 -3.75
N GLN B 167 -14.63 -12.33 -3.96
CA GLN B 167 -13.87 -13.21 -3.11
C GLN B 167 -13.73 -12.51 -1.75
N ALA B 168 -14.74 -12.70 -0.91
CA ALA B 168 -14.84 -12.08 0.41
C ALA B 168 -14.15 -12.68 1.62
N ASN B 169 -13.22 -13.61 1.45
CA ASN B 169 -12.57 -14.15 2.64
C ASN B 169 -11.85 -12.98 3.29
N VAL B 170 -12.23 -12.61 4.52
CA VAL B 170 -11.61 -11.48 5.25
C VAL B 170 -10.11 -11.36 5.22
N ILE B 171 -9.42 -12.46 5.46
CA ILE B 171 -7.98 -12.37 5.47
C ILE B 171 -7.32 -11.68 4.32
N ASN B 172 -7.99 -11.52 3.18
CA ASN B 172 -7.34 -10.80 2.07
C ASN B 172 -8.15 -9.56 1.73
N ALA B 173 -9.04 -9.20 2.65
CA ALA B 173 -9.94 -8.05 2.53
C ALA B 173 -10.57 -7.87 1.16
N GLY B 174 -10.71 -8.96 0.41
CA GLY B 174 -11.33 -8.87 -0.90
C GLY B 174 -10.45 -8.22 -1.93
N MET B 175 -9.21 -7.92 -1.53
CA MET B 175 -8.27 -7.28 -2.43
C MET B 175 -6.99 -8.02 -2.69
N GLY B 176 -6.77 -9.16 -2.06
CA GLY B 176 -5.55 -9.89 -2.33
C GLY B 176 -4.36 -9.40 -1.55
N VAL B 177 -4.61 -8.88 -0.37
CA VAL B 177 -3.56 -8.34 0.50
C VAL B 177 -3.77 -8.82 1.94
N GLY B 178 -2.77 -8.62 2.81
CA GLY B 178 -2.94 -9.04 4.19
C GLY B 178 -3.92 -8.11 4.86
N VAL B 179 -5.01 -8.61 5.38
CA VAL B 179 -5.98 -7.74 6.02
C VAL B 179 -5.30 -6.96 7.13
N GLY B 180 -4.27 -7.54 7.74
CA GLY B 180 -3.58 -6.85 8.82
C GLY B 180 -2.80 -5.60 8.45
N ASN B 181 -2.65 -5.34 7.16
CA ASN B 181 -1.93 -4.17 6.65
C ASN B 181 -2.87 -3.09 6.16
N LEU B 182 -4.17 -3.25 6.40
CA LEU B 182 -5.16 -2.26 5.98
C LEU B 182 -4.92 -0.95 6.71
N THR B 183 -4.01 -1.04 7.62
CA THR B 183 -3.61 0.05 8.42
C THR B 183 -2.99 1.30 7.72
N ILE B 184 -2.35 1.17 6.55
CA ILE B 184 -1.82 2.36 5.91
C ILE B 184 -2.95 3.22 5.37
N PHE B 185 -4.19 2.81 5.60
CA PHE B 185 -5.29 3.64 5.13
C PHE B 185 -5.85 4.36 6.33
N PRO B 186 -6.51 5.49 6.12
CA PRO B 186 -7.06 6.17 7.29
C PRO B 186 -7.99 5.25 8.10
N HIS B 187 -7.74 5.11 9.40
CA HIS B 187 -8.53 4.23 10.24
C HIS B 187 -8.51 4.59 11.73
N GLN B 188 -9.31 3.86 12.49
CA GLN B 188 -9.38 3.98 13.95
C GLN B 188 -9.82 2.60 14.34
N TRP B 189 -9.79 2.32 15.63
CA TRP B 189 -10.22 1.05 16.15
C TRP B 189 -11.33 1.33 17.13
N ILE B 190 -12.21 0.37 17.35
CA ILE B 190 -13.23 0.54 18.36
C ILE B 190 -12.98 -0.66 19.24
N ASN B 191 -12.23 -0.43 20.31
CA ASN B 191 -11.90 -1.48 21.26
C ASN B 191 -12.92 -1.17 22.34
N LEU B 192 -13.96 -1.99 22.47
CA LEU B 192 -15.06 -1.73 23.41
C LEU B 192 -14.65 -1.33 24.80
N ARG B 193 -13.47 -1.79 25.15
CA ARG B 193 -12.87 -1.54 26.44
C ARG B 193 -12.61 -0.05 26.66
N THR B 194 -12.36 0.69 25.58
CA THR B 194 -12.02 2.12 25.69
C THR B 194 -12.89 3.09 24.86
N ASN B 195 -13.19 2.68 23.65
CA ASN B 195 -13.97 3.39 22.64
C ASN B 195 -15.46 3.03 22.62
N ASN B 196 -16.15 3.63 21.66
CA ASN B 196 -17.55 3.34 21.41
C ASN B 196 -17.95 3.91 20.05
N SER B 197 -17.03 4.63 19.43
CA SER B 197 -17.25 5.22 18.14
C SER B 197 -15.91 5.53 17.49
N ALA B 198 -15.95 5.79 16.19
CA ALA B 198 -14.77 6.13 15.42
C ALA B 198 -15.27 7.19 14.48
N THR B 199 -14.47 8.24 14.29
CA THR B 199 -14.86 9.33 13.42
C THR B 199 -13.70 9.56 12.47
N ILE B 200 -13.96 9.51 11.18
CA ILE B 200 -12.91 9.68 10.18
C ILE B 200 -13.39 10.64 9.13
N VAL B 201 -12.61 11.68 8.89
CA VAL B 201 -12.95 12.68 7.90
C VAL B 201 -12.14 12.32 6.68
N MET B 202 -12.80 12.13 5.55
CA MET B 202 -12.10 11.76 4.33
C MET B 202 -12.18 12.84 3.30
N PRO B 203 -11.03 13.30 2.84
CA PRO B 203 -10.99 14.33 1.83
C PRO B 203 -11.29 13.62 0.52
N TYR B 204 -11.58 14.36 -0.54
CA TYR B 204 -11.84 13.69 -1.80
C TYR B 204 -10.51 13.24 -2.40
N ILE B 205 -10.32 11.95 -2.60
CA ILE B 205 -9.08 11.43 -3.18
C ILE B 205 -9.38 10.74 -4.52
N ASN B 206 -8.77 11.20 -5.61
CA ASN B 206 -9.01 10.62 -6.94
C ASN B 206 -7.97 11.19 -7.89
N SER B 207 -7.79 10.58 -9.06
CA SER B 207 -6.79 11.06 -10.02
C SER B 207 -7.37 12.02 -11.00
N VAL B 208 -8.55 12.54 -10.68
CA VAL B 208 -9.20 13.53 -11.50
C VAL B 208 -9.94 14.42 -10.51
N PRO B 209 -10.09 15.70 -10.86
CA PRO B 209 -10.76 16.70 -10.04
C PRO B 209 -12.17 16.41 -9.65
N MET B 210 -12.90 15.71 -10.50
CA MET B 210 -14.31 15.36 -10.24
C MET B 210 -14.54 14.06 -10.97
N ASP B 211 -15.65 13.39 -10.73
CA ASP B 211 -15.93 12.13 -11.42
C ASP B 211 -17.42 11.84 -11.36
N ASN B 212 -17.86 10.87 -12.17
CA ASN B 212 -19.26 10.50 -12.18
C ASN B 212 -19.51 9.68 -10.91
N MET B 213 -20.59 9.93 -10.21
CA MET B 213 -20.78 9.22 -8.95
C MET B 213 -21.43 7.86 -9.01
N PHE B 214 -21.85 7.47 -10.19
CA PHE B 214 -22.47 6.16 -10.32
C PHE B 214 -21.50 5.12 -10.83
N ARG B 215 -20.61 5.51 -11.72
CA ARG B 215 -19.73 4.51 -12.23
C ARG B 215 -18.39 4.36 -11.51
N HIS B 216 -18.20 5.08 -10.42
CA HIS B 216 -16.92 4.95 -9.73
C HIS B 216 -17.11 5.01 -8.25
N ASN B 217 -16.53 4.07 -7.52
CA ASN B 217 -16.72 4.15 -6.12
C ASN B 217 -15.79 4.92 -5.22
N ASN B 218 -14.55 5.19 -5.57
CA ASN B 218 -13.75 6.07 -4.65
C ASN B 218 -13.16 5.53 -3.40
N PHE B 219 -13.98 5.08 -2.47
CA PHE B 219 -13.46 4.50 -1.23
C PHE B 219 -14.51 3.62 -0.61
N THR B 220 -14.07 2.63 0.14
CA THR B 220 -14.95 1.66 0.76
C THR B 220 -14.69 1.69 2.24
N LEU B 221 -15.75 1.70 3.03
CA LEU B 221 -15.62 1.67 4.46
C LEU B 221 -15.60 0.19 4.82
N MET B 222 -14.65 -0.24 5.65
CA MET B 222 -14.59 -1.64 6.04
C MET B 222 -14.55 -1.69 7.55
N VAL B 223 -15.37 -2.52 8.15
CA VAL B 223 -15.41 -2.66 9.59
C VAL B 223 -15.13 -4.13 9.80
N ILE B 224 -14.04 -4.44 10.47
CA ILE B 224 -13.59 -5.79 10.62
C ILE B 224 -13.20 -6.10 12.03
N PRO B 225 -13.88 -7.06 12.68
CA PRO B 225 -13.46 -7.33 14.05
C PRO B 225 -12.20 -8.19 14.15
N PHE B 226 -11.16 -7.66 14.80
CA PHE B 226 -9.89 -8.37 14.96
C PHE B 226 -9.87 -9.11 16.28
N ALA B 227 -10.76 -8.74 17.20
CA ALA B 227 -10.89 -9.46 18.47
C ALA B 227 -12.41 -9.52 18.48
N PRO B 228 -12.97 -10.74 18.55
CA PRO B 228 -14.41 -11.00 18.53
C PRO B 228 -15.22 -10.55 19.70
N LEU B 229 -16.48 -10.24 19.41
CA LEU B 229 -17.38 -9.83 20.48
C LEU B 229 -17.41 -10.99 21.45
N SER B 230 -17.37 -10.72 22.74
CA SER B 230 -17.42 -11.79 23.69
C SER B 230 -18.04 -11.28 24.96
N TYR B 231 -18.70 -12.14 25.73
CA TYR B 231 -19.37 -11.72 26.96
C TYR B 231 -19.88 -12.91 27.72
N SER B 232 -20.17 -12.72 28.99
CA SER B 232 -20.69 -13.80 29.79
C SER B 232 -22.22 -13.84 29.67
N THR B 233 -22.80 -15.00 29.93
CA THR B 233 -24.24 -15.16 29.79
C THR B 233 -24.97 -14.23 30.75
N GLY B 234 -25.95 -13.53 30.21
CA GLY B 234 -26.74 -12.60 31.00
C GLY B 234 -26.57 -11.25 30.36
N ALA B 235 -25.35 -10.97 29.91
CA ALA B 235 -25.02 -9.70 29.25
C ALA B 235 -25.83 -9.62 27.96
N THR B 236 -26.22 -8.41 27.54
CA THR B 236 -27.01 -8.35 26.33
C THR B 236 -26.24 -8.83 25.14
N THR B 237 -26.90 -9.61 24.30
CA THR B 237 -26.27 -10.21 23.14
C THR B 237 -26.48 -9.45 21.86
N TYR B 238 -27.28 -8.40 21.95
CA TYR B 238 -27.60 -7.56 20.81
C TYR B 238 -26.77 -6.29 20.81
N VAL B 239 -25.70 -6.33 20.04
CA VAL B 239 -24.76 -5.25 19.92
C VAL B 239 -24.69 -4.76 18.49
N PRO B 240 -25.51 -3.76 18.15
CA PRO B 240 -25.53 -3.20 16.80
C PRO B 240 -24.36 -2.27 16.53
N ILE B 241 -24.07 -2.08 15.26
CA ILE B 241 -23.01 -1.20 14.81
C ILE B 241 -23.73 -0.30 13.84
N THR B 242 -23.83 1.00 14.13
CA THR B 242 -24.51 1.91 13.22
C THR B 242 -23.53 2.82 12.52
N VAL B 243 -23.84 3.20 11.29
CA VAL B 243 -22.94 4.04 10.54
C VAL B 243 -23.63 5.31 10.07
N THR B 244 -23.16 6.47 10.55
CA THR B 244 -23.72 7.76 10.15
C THR B 244 -22.63 8.50 9.38
N VAL B 245 -22.96 9.00 8.21
CA VAL B 245 -22.03 9.68 7.32
C VAL B 245 -22.52 11.03 6.81
N ALA B 246 -21.61 11.99 6.63
CA ALA B 246 -22.02 13.29 6.13
C ALA B 246 -21.14 13.75 5.00
N PRO B 247 -21.72 14.05 3.85
CA PRO B 247 -20.93 14.51 2.72
C PRO B 247 -20.39 15.87 3.15
N MET B 248 -19.25 16.27 2.61
CA MET B 248 -18.70 17.55 2.98
C MET B 248 -18.20 18.22 1.74
N CYS B 249 -18.61 19.46 1.53
CA CYS B 249 -18.16 20.22 0.36
C CYS B 249 -18.52 19.54 -0.95
N ALA B 250 -19.79 19.15 -1.06
CA ALA B 250 -20.26 18.50 -2.24
C ALA B 250 -20.59 19.51 -3.31
N GLU B 251 -20.07 19.29 -4.52
CA GLU B 251 -20.37 20.14 -5.66
C GLU B 251 -20.67 19.18 -6.79
N TYR B 252 -21.50 19.65 -7.71
CA TYR B 252 -21.88 18.86 -8.86
C TYR B 252 -21.77 19.73 -10.08
N ASN B 253 -21.60 19.09 -11.23
CA ASN B 253 -21.51 19.80 -12.50
C ASN B 253 -22.15 18.92 -13.57
N GLY B 254 -22.55 19.53 -14.68
CA GLY B 254 -23.16 18.77 -15.75
C GLY B 254 -24.56 18.33 -15.43
N LEU B 255 -25.46 19.29 -15.29
CA LEU B 255 -26.84 19.02 -14.99
C LEU B 255 -27.52 18.63 -16.27
N ARG B 256 -28.47 17.70 -16.15
CA ARG B 256 -29.21 17.18 -17.29
C ARG B 256 -30.34 16.40 -16.61
N LEU B 257 -31.02 15.56 -17.37
CA LEU B 257 -32.10 14.73 -16.84
C LEU B 257 -31.49 13.73 -15.88
N ALA B 258 -32.33 12.99 -15.16
CA ALA B 258 -31.82 12.06 -14.17
C ALA B 258 -31.66 10.59 -14.56
N GLY B 259 -30.89 9.86 -13.75
CA GLY B 259 -30.69 8.41 -13.89
C GLY B 259 -29.26 7.91 -14.04
N LYS B 260 -29.14 6.60 -14.34
CA LYS B 260 -27.85 5.94 -14.66
C LYS B 260 -28.02 5.72 -16.18
N GLN B 261 -27.08 5.02 -16.86
CA GLN B 261 -27.09 4.71 -18.35
C GLN B 261 -25.88 5.13 -19.24
N GLY C 1 36.64 16.17 -36.88
CA GLY C 1 35.95 15.63 -35.69
C GLY C 1 36.81 15.77 -34.44
N LEU C 2 36.16 15.88 -33.29
CA LEU C 2 36.89 16.01 -32.04
C LEU C 2 37.44 14.64 -31.70
N PRO C 3 38.76 14.49 -31.66
CA PRO C 3 39.32 13.19 -31.33
C PRO C 3 38.84 12.72 -29.99
N THR C 4 38.25 11.55 -30.05
CA THR C 4 37.58 10.82 -28.99
C THR C 4 38.12 9.38 -28.82
N LEU C 5 37.95 8.79 -27.64
CA LEU C 5 38.40 7.43 -27.36
C LEU C 5 37.38 6.69 -26.50
N SER C 6 36.76 5.64 -27.03
CA SER C 6 35.73 4.92 -26.28
C SER C 6 36.24 4.04 -25.17
N THR C 7 35.53 4.07 -24.05
CA THR C 7 35.95 3.31 -22.89
C THR C 7 35.10 2.10 -22.62
N PRO C 8 35.64 1.14 -21.85
CA PRO C 8 34.88 -0.06 -21.51
C PRO C 8 33.56 0.46 -20.92
N GLY C 9 32.45 -0.19 -21.26
CA GLY C 9 31.19 0.26 -20.74
C GLY C 9 30.36 0.77 -21.88
N SER C 10 31.03 1.26 -22.92
CA SER C 10 30.32 1.77 -24.08
C SER C 10 29.35 0.72 -24.59
N ASN C 11 28.17 1.21 -24.96
CA ASN C 11 27.07 0.42 -25.50
C ASN C 11 26.42 -0.61 -24.61
N GLN C 12 26.78 -0.69 -23.34
CA GLN C 12 26.12 -1.69 -22.52
C GLN C 12 24.78 -1.08 -22.08
N PHE C 13 23.90 -1.92 -21.56
CA PHE C 13 22.62 -1.46 -21.07
C PHE C 13 22.61 -1.92 -19.64
N LEU C 14 22.91 -1.02 -18.72
CA LEU C 14 22.91 -1.35 -17.29
C LEU C 14 21.55 -0.90 -16.75
N THR C 15 20.82 -1.80 -16.12
CA THR C 15 19.47 -1.46 -15.66
C THR C 15 19.29 -0.31 -14.70
N SER C 16 20.34 0.01 -13.96
CA SER C 16 20.32 1.08 -13.00
C SER C 16 21.12 2.28 -13.51
N ASP C 17 21.30 2.38 -14.83
CA ASP C 17 22.03 3.49 -15.38
C ASP C 17 21.18 4.74 -15.30
N ASP C 18 21.78 5.89 -15.53
CA ASP C 18 21.03 7.12 -15.42
C ASP C 18 21.53 8.13 -16.44
N PHE C 19 20.99 8.07 -17.64
CA PHE C 19 21.40 8.96 -18.69
C PHE C 19 20.19 9.66 -19.28
N GLN C 20 20.48 10.68 -20.10
CA GLN C 20 19.42 11.39 -20.80
C GLN C 20 19.12 10.55 -22.05
N SER C 21 17.97 10.77 -22.67
CA SER C 21 17.55 10.02 -23.86
C SER C 21 16.54 10.88 -24.59
N PRO C 22 16.54 10.80 -25.92
CA PRO C 22 15.60 11.60 -26.68
C PRO C 22 14.16 11.23 -26.37
N SER C 23 13.26 12.21 -26.44
CA SER C 23 11.85 11.97 -26.18
C SER C 23 11.23 11.67 -27.53
N ALA C 24 10.44 10.61 -27.58
CA ALA C 24 9.75 10.16 -28.77
C ALA C 24 8.60 11.09 -29.09
N MET C 25 8.15 11.84 -28.10
CA MET C 25 7.05 12.77 -28.31
C MET C 25 7.44 14.20 -27.92
N PRO C 26 8.14 14.89 -28.83
CA PRO C 26 8.65 16.26 -28.74
C PRO C 26 7.51 17.22 -28.47
N GLN C 27 7.72 18.12 -27.52
CA GLN C 27 6.73 19.14 -27.21
C GLN C 27 5.41 18.63 -26.72
N PHE C 28 5.37 17.42 -26.22
CA PHE C 28 4.11 16.92 -25.72
C PHE C 28 3.74 17.71 -24.47
N ASP C 29 2.53 18.25 -24.46
CA ASP C 29 2.06 19.05 -23.33
C ASP C 29 1.38 18.21 -22.26
N VAL C 30 2.08 17.88 -21.17
CA VAL C 30 1.44 17.06 -20.14
C VAL C 30 0.24 17.68 -19.42
N THR C 31 -0.54 16.83 -18.78
CA THR C 31 -1.71 17.34 -18.08
C THR C 31 -1.33 17.90 -16.71
N PRO C 32 -1.73 19.13 -16.40
CA PRO C 32 -1.42 19.79 -15.12
C PRO C 32 -1.50 18.91 -13.92
N GLU C 33 -0.54 19.09 -13.01
CA GLU C 33 -0.53 18.32 -11.78
C GLU C 33 -1.73 18.67 -10.95
N MET C 34 -2.09 17.79 -10.02
CA MET C 34 -3.24 18.13 -9.23
C MET C 34 -2.91 18.43 -7.80
N ASP C 35 -2.89 17.44 -6.93
CA ASP C 35 -2.63 17.69 -5.51
C ASP C 35 -3.50 16.72 -4.82
N ILE C 36 -3.05 15.50 -4.80
CA ILE C 36 -3.79 14.44 -4.25
C ILE C 36 -3.33 14.21 -2.84
N PRO C 37 -4.27 14.02 -1.93
CA PRO C 37 -3.86 13.79 -0.56
C PRO C 37 -2.99 12.55 -0.52
N GLY C 38 -2.16 12.45 0.50
CA GLY C 38 -1.34 11.27 0.65
C GLY C 38 -0.15 11.05 -0.22
N GLN C 39 0.60 12.08 -0.56
CA GLN C 39 1.78 11.83 -1.38
C GLN C 39 2.82 11.06 -0.58
N VAL C 40 3.63 10.24 -1.24
CA VAL C 40 4.67 9.47 -0.56
C VAL C 40 5.98 9.78 -1.26
N ASN C 41 7.03 9.91 -0.46
CA ASN C 41 8.35 10.22 -0.99
C ASN C 41 9.39 9.17 -0.71
N ASN C 42 9.28 8.48 0.42
CA ASN C 42 10.25 7.48 0.82
C ASN C 42 9.53 6.27 1.38
N LEU C 43 9.95 5.08 0.97
CA LEU C 43 9.33 3.86 1.47
C LEU C 43 9.32 3.85 2.97
N MET C 44 10.31 4.49 3.60
CA MET C 44 10.35 4.56 5.05
C MET C 44 9.13 5.26 5.68
N GLU C 45 8.44 6.11 4.91
CA GLU C 45 7.23 6.73 5.46
C GLU C 45 6.21 5.61 5.69
N ILE C 46 6.26 4.58 4.86
CA ILE C 46 5.34 3.45 4.97
C ILE C 46 5.76 2.49 6.09
N ALA C 47 7.05 2.22 6.17
CA ALA C 47 7.56 1.35 7.21
C ALA C 47 7.39 1.96 8.60
N GLU C 48 7.09 3.25 8.66
CA GLU C 48 6.93 3.92 9.95
C GLU C 48 5.52 3.88 10.46
N VAL C 49 4.68 3.19 9.70
CA VAL C 49 3.28 3.04 10.03
C VAL C 49 3.04 1.65 10.62
N ASP C 50 2.30 1.63 11.72
CA ASP C 50 1.94 0.41 12.42
C ASP C 50 1.17 -0.57 11.55
N SER C 51 1.49 -1.86 11.59
CA SER C 51 0.72 -2.86 10.83
C SER C 51 0.51 -3.92 11.88
N VAL C 52 -0.58 -4.67 11.77
CA VAL C 52 -0.90 -5.71 12.75
C VAL C 52 -0.05 -6.96 12.49
N VAL C 53 0.72 -7.37 13.50
CA VAL C 53 1.61 -8.53 13.43
C VAL C 53 0.87 -9.82 13.77
N PRO C 54 0.99 -10.84 12.89
CA PRO C 54 0.36 -12.14 13.08
C PRO C 54 1.21 -13.03 14.01
N VAL C 55 1.27 -12.68 15.29
CA VAL C 55 2.04 -13.43 16.29
C VAL C 55 1.55 -14.85 16.44
N ASN C 56 0.25 -15.02 16.36
CA ASN C 56 -0.40 -16.31 16.52
C ASN C 56 -0.50 -17.01 15.18
N ASN C 57 0.63 -17.13 14.48
CA ASN C 57 0.70 -17.76 13.17
C ASN C 57 0.95 -19.26 13.23
N THR C 58 0.23 -19.95 14.08
CA THR C 58 0.39 -21.38 14.17
C THR C 58 -0.50 -22.07 13.14
N GLU C 59 0.06 -23.14 12.59
CA GLU C 59 -0.63 -24.04 11.66
C GLU C 59 -1.90 -23.62 10.92
N GLY C 60 -3.03 -23.91 11.56
CA GLY C 60 -4.33 -23.63 10.99
C GLY C 60 -4.83 -22.24 11.19
N LYS C 61 -4.20 -21.53 12.12
CA LYS C 61 -4.59 -20.17 12.39
C LYS C 61 -4.13 -19.17 11.31
N VAL C 62 -3.13 -19.56 10.53
CA VAL C 62 -2.59 -18.70 9.49
C VAL C 62 -3.54 -18.25 8.38
N MET C 63 -4.77 -18.77 8.37
CA MET C 63 -5.76 -18.35 7.34
C MET C 63 -6.98 -17.85 8.05
N SER C 64 -6.75 -17.34 9.24
CA SER C 64 -7.80 -16.86 10.05
C SER C 64 -7.38 -15.54 10.64
N ILE C 65 -8.35 -14.67 10.90
CA ILE C 65 -8.07 -13.38 11.50
C ILE C 65 -7.39 -13.72 12.84
N GLU C 66 -7.54 -14.97 13.27
CA GLU C 66 -6.94 -15.46 14.50
C GLU C 66 -5.41 -15.37 14.53
N ALA C 67 -4.77 -15.34 13.37
CA ALA C 67 -3.31 -15.27 13.34
C ALA C 67 -2.83 -14.01 14.06
N TYR C 68 -3.71 -13.02 14.06
CA TYR C 68 -3.44 -11.74 14.65
C TYR C 68 -3.75 -11.61 16.14
N GLN C 69 -4.38 -12.62 16.72
CA GLN C 69 -4.76 -12.52 18.12
C GLN C 69 -3.97 -13.32 19.13
N ILE C 70 -3.23 -12.60 19.97
CA ILE C 70 -2.43 -13.22 21.02
C ILE C 70 -3.37 -13.57 22.17
N PRO C 71 -3.38 -14.83 22.60
CA PRO C 71 -4.24 -15.29 23.69
C PRO C 71 -3.68 -14.98 25.04
N VAL C 72 -4.55 -14.50 25.90
CA VAL C 72 -4.12 -14.18 27.22
C VAL C 72 -5.31 -14.52 28.12
N GLN C 73 -5.05 -15.14 29.27
CA GLN C 73 -6.12 -15.52 30.20
C GLN C 73 -5.66 -15.63 31.63
N SER C 74 -6.62 -15.82 32.52
CA SER C 74 -6.31 -15.93 33.94
C SER C 74 -5.62 -17.28 34.12
N ASN C 75 -4.58 -17.38 34.95
CA ASN C 75 -3.91 -18.68 35.15
C ASN C 75 -3.60 -18.95 36.59
N PRO C 76 -3.46 -20.24 36.95
CA PRO C 76 -3.17 -20.71 38.30
C PRO C 76 -1.67 -20.74 38.58
N THR C 77 -0.88 -20.27 37.62
CA THR C 77 0.56 -20.22 37.80
C THR C 77 1.15 -18.84 37.62
N ASN C 78 2.40 -18.71 38.01
CA ASN C 78 3.07 -17.43 37.92
C ASN C 78 4.18 -17.34 36.88
N GLY C 79 4.20 -16.24 36.15
CA GLY C 79 5.27 -16.03 35.21
C GLY C 79 5.37 -16.88 33.97
N SER C 80 4.21 -17.29 33.48
CA SER C 80 4.08 -18.10 32.26
C SER C 80 4.45 -17.22 31.06
N GLN C 81 4.96 -17.83 30.00
CA GLN C 81 5.31 -17.08 28.80
C GLN C 81 4.07 -16.88 27.95
N VAL C 82 3.86 -15.67 27.45
CA VAL C 82 2.74 -15.36 26.61
C VAL C 82 3.04 -15.64 25.13
N PHE C 83 4.25 -15.30 24.67
CA PHE C 83 4.68 -15.53 23.29
C PHE C 83 6.16 -15.25 23.18
N GLY C 84 6.72 -15.48 22.00
CA GLY C 84 8.13 -15.26 21.79
C GLY C 84 8.43 -15.41 20.31
N PHE C 85 9.29 -14.56 19.78
CA PHE C 85 9.71 -14.63 18.38
C PHE C 85 11.02 -13.87 18.29
N PRO C 86 11.87 -14.24 17.33
CA PRO C 86 13.17 -13.58 17.17
C PRO C 86 13.13 -12.27 16.45
N LEU C 87 14.17 -11.48 16.66
CA LEU C 87 14.24 -10.21 16.00
C LEU C 87 14.91 -10.45 14.67
N THR C 88 14.12 -10.98 13.75
CA THR C 88 14.64 -11.25 12.43
C THR C 88 13.52 -10.78 11.55
N PRO C 89 13.26 -9.45 11.57
CA PRO C 89 12.18 -8.81 10.81
C PRO C 89 12.13 -9.10 9.36
N GLY C 90 13.29 -9.28 8.74
CA GLY C 90 13.26 -9.54 7.31
C GLY C 90 12.85 -10.94 6.93
N ALA C 91 13.30 -11.93 7.70
CA ALA C 91 13.06 -13.32 7.35
C ALA C 91 12.10 -14.17 8.19
N ASN C 92 11.81 -13.77 9.42
CA ASN C 92 10.92 -14.55 10.26
C ASN C 92 9.46 -14.37 9.85
N SER C 93 8.71 -15.47 9.85
CA SER C 93 7.31 -15.44 9.46
C SER C 93 6.45 -14.52 10.30
N VAL C 94 6.77 -14.38 11.58
CA VAL C 94 5.97 -13.51 12.45
C VAL C 94 5.96 -12.09 11.90
N LEU C 95 7.14 -11.56 11.59
CA LEU C 95 7.29 -10.19 11.09
C LEU C 95 7.40 -9.94 9.60
N ASN C 96 7.93 -10.86 8.83
CA ASN C 96 8.15 -10.55 7.43
C ASN C 96 7.00 -10.21 6.51
N ARG C 97 5.77 -10.21 6.99
CA ARG C 97 4.71 -9.90 6.03
C ARG C 97 3.97 -8.60 6.29
N THR C 98 4.42 -7.93 7.34
CA THR C 98 3.91 -6.65 7.78
C THR C 98 4.43 -5.60 6.79
N LEU C 99 3.92 -4.38 6.90
CA LEU C 99 4.34 -3.28 6.05
C LEU C 99 5.87 -3.19 6.16
N LEU C 100 6.36 -3.23 7.39
CA LEU C 100 7.79 -3.16 7.63
C LEU C 100 8.54 -4.31 6.96
N GLY C 101 8.06 -5.53 7.16
CA GLY C 101 8.70 -6.69 6.57
C GLY C 101 8.65 -6.67 5.06
N GLU C 102 7.55 -6.23 4.49
CA GLU C 102 7.46 -6.22 3.04
C GLU C 102 8.47 -5.29 2.41
N ILE C 103 8.66 -4.13 3.04
CA ILE C 103 9.62 -3.16 2.56
C ILE C 103 11.04 -3.68 2.76
N LEU C 104 11.30 -4.31 3.91
CA LEU C 104 12.62 -4.88 4.16
C LEU C 104 12.96 -5.87 3.07
N ASN C 105 11.93 -6.55 2.57
CA ASN C 105 12.18 -7.53 1.53
C ASN C 105 12.55 -7.04 0.16
N TYR C 106 12.52 -5.72 -0.01
CA TYR C 106 12.91 -5.16 -1.28
C TYR C 106 14.37 -4.72 -1.11
N TYR C 107 14.94 -4.98 0.07
CA TYR C 107 16.32 -4.58 0.35
C TYR C 107 17.17 -5.70 0.92
N ALA C 108 18.47 -5.47 1.00
CA ALA C 108 19.42 -6.45 1.51
C ALA C 108 19.96 -6.18 2.92
N HIS C 109 20.02 -4.93 3.34
CA HIS C 109 20.50 -4.59 4.66
C HIS C 109 19.47 -3.69 5.28
N TRP C 110 19.42 -3.68 6.60
CA TRP C 110 18.51 -2.82 7.30
C TRP C 110 19.23 -2.42 8.57
N SER C 111 18.71 -1.39 9.24
CA SER C 111 19.25 -0.91 10.51
C SER C 111 18.24 -0.01 11.16
N GLY C 112 18.14 -0.08 12.49
CA GLY C 112 17.18 0.75 13.18
C GLY C 112 16.51 0.15 14.39
N SER C 113 15.69 0.94 15.04
CA SER C 113 14.95 0.54 16.19
C SER C 113 13.57 0.29 15.66
N ILE C 114 12.85 -0.60 16.33
CA ILE C 114 11.53 -1.03 15.92
C ILE C 114 10.62 -0.88 17.12
N LYS C 115 9.38 -0.53 16.86
CA LYS C 115 8.42 -0.35 17.91
C LYS C 115 7.37 -1.41 17.78
N LEU C 116 7.11 -2.07 18.89
CA LEU C 116 6.06 -3.06 18.96
C LEU C 116 5.03 -2.49 19.93
N THR C 117 3.81 -2.33 19.48
CA THR C 117 2.77 -1.81 20.36
C THR C 117 1.79 -2.91 20.68
N PHE C 118 1.42 -3.06 21.94
CA PHE C 118 0.45 -4.07 22.30
C PHE C 118 -0.83 -3.42 22.72
N MET C 119 -1.92 -3.83 22.10
CA MET C 119 -3.22 -3.28 22.44
C MET C 119 -4.06 -4.37 23.11
N PHE C 120 -4.44 -4.13 24.36
CA PHE C 120 -5.24 -5.09 25.08
C PHE C 120 -6.71 -5.01 24.71
N CYS C 121 -7.28 -6.09 24.21
CA CYS C 121 -8.69 -6.12 23.87
C CYS C 121 -9.59 -6.89 24.84
N GLY C 122 -9.24 -6.84 26.12
CA GLY C 122 -10.06 -7.51 27.10
C GLY C 122 -11.26 -6.61 27.28
N SER C 123 -11.87 -6.66 28.46
CA SER C 123 -13.02 -5.85 28.76
C SER C 123 -12.55 -4.89 29.81
N ALA C 124 -13.28 -3.80 29.95
CA ALA C 124 -12.97 -2.77 30.93
C ALA C 124 -12.82 -3.29 32.35
N MET C 125 -13.35 -4.47 32.66
CA MET C 125 -13.28 -4.97 34.01
C MET C 125 -12.10 -5.86 34.32
N ALA C 126 -11.34 -6.20 33.28
CA ALA C 126 -10.15 -7.04 33.38
C ALA C 126 -8.95 -6.21 33.68
N THR C 127 -8.00 -6.81 34.38
CA THR C 127 -6.77 -6.12 34.72
C THR C 127 -5.62 -7.11 34.56
N GLY C 128 -4.39 -6.63 34.64
CA GLY C 128 -3.26 -7.52 34.53
C GLY C 128 -1.99 -6.77 34.22
N LYS C 129 -0.84 -7.33 34.59
CA LYS C 129 0.40 -6.69 34.29
C LYS C 129 1.24 -7.71 33.54
N PHE C 130 1.88 -7.26 32.47
CA PHE C 130 2.72 -8.10 31.65
C PHE C 130 4.11 -7.57 31.60
N LEU C 131 5.07 -8.44 31.34
CA LEU C 131 6.44 -7.99 31.24
C LEU C 131 6.86 -8.29 29.81
N LEU C 132 7.13 -7.25 29.01
CA LEU C 132 7.55 -7.40 27.61
C LEU C 132 9.04 -7.23 27.60
N ALA C 133 9.79 -8.07 26.92
CA ALA C 133 11.23 -7.95 26.95
C ALA C 133 11.92 -8.26 25.65
N TYR C 134 13.12 -7.73 25.52
CA TYR C 134 13.96 -7.92 24.38
C TYR C 134 15.27 -8.38 24.94
N SER C 135 15.87 -9.40 24.36
CA SER C 135 17.13 -9.93 24.85
C SER C 135 18.08 -10.08 23.72
N PRO C 136 19.15 -9.28 23.73
CA PRO C 136 20.15 -9.34 22.66
C PRO C 136 20.68 -10.78 22.63
N PRO C 137 21.24 -11.21 21.49
CA PRO C 137 21.77 -12.56 21.32
C PRO C 137 22.99 -12.87 22.15
N GLY C 138 23.54 -14.07 22.00
CA GLY C 138 24.75 -14.39 22.73
C GLY C 138 24.52 -15.49 23.73
N ALA C 139 23.50 -15.35 24.56
CA ALA C 139 23.16 -16.39 25.50
C ALA C 139 21.94 -16.90 24.76
N GLY C 140 21.21 -17.84 25.31
CA GLY C 140 20.08 -18.30 24.54
C GLY C 140 18.92 -17.36 24.55
N ALA C 141 17.72 -17.93 24.41
CA ALA C 141 16.51 -17.16 24.50
C ALA C 141 16.10 -17.42 25.94
N PRO C 142 15.43 -16.46 26.56
CA PRO C 142 14.99 -16.63 27.94
C PRO C 142 13.87 -17.66 27.97
N THR C 143 13.96 -18.56 28.93
CA THR C 143 12.97 -19.63 29.07
C THR C 143 12.11 -19.40 30.30
N THR C 144 12.49 -18.40 31.09
CA THR C 144 11.74 -18.07 32.28
C THR C 144 11.69 -16.56 32.42
N ARG C 145 10.77 -16.07 33.23
CA ARG C 145 10.65 -14.64 33.44
C ARG C 145 11.87 -14.10 34.13
N LYS C 146 12.48 -14.87 35.02
CA LYS C 146 13.68 -14.38 35.67
C LYS C 146 14.79 -14.20 34.64
N GLU C 147 14.79 -14.99 33.58
CA GLU C 147 15.82 -14.83 32.57
C GLU C 147 15.52 -13.64 31.69
N ALA C 148 14.29 -13.51 31.22
CA ALA C 148 13.90 -12.40 30.36
C ALA C 148 14.09 -11.04 31.03
N MET C 149 13.65 -10.98 32.27
CA MET C 149 13.72 -9.81 33.10
C MET C 149 15.09 -9.20 33.25
N LEU C 150 16.13 -9.99 33.03
CA LEU C 150 17.50 -9.47 33.14
C LEU C 150 17.92 -8.69 31.93
N GLY C 151 17.02 -8.55 30.95
CA GLY C 151 17.33 -7.82 29.74
C GLY C 151 16.44 -6.60 29.60
N THR C 152 16.33 -6.08 28.38
CA THR C 152 15.55 -4.89 28.14
C THR C 152 14.09 -5.20 28.29
N HIS C 153 13.43 -4.58 29.26
CA HIS C 153 12.03 -4.83 29.48
C HIS C 153 11.19 -3.63 29.93
N VAL C 154 9.89 -3.72 29.74
CA VAL C 154 8.92 -2.72 30.14
C VAL C 154 7.86 -3.51 30.86
N ILE C 155 7.27 -2.96 31.91
CA ILE C 155 6.21 -3.65 32.62
C ILE C 155 4.91 -2.93 32.33
N TRP C 156 4.13 -3.55 31.47
CA TRP C 156 2.87 -3.03 31.04
C TRP C 156 1.79 -3.34 32.03
N ASP C 157 1.03 -2.33 32.42
CA ASP C 157 -0.05 -2.51 33.35
C ASP C 157 -1.28 -2.15 32.59
N VAL C 158 -2.22 -3.08 32.49
CA VAL C 158 -3.46 -2.83 31.78
C VAL C 158 -4.34 -1.90 32.63
N GLY C 159 -4.99 -0.96 31.97
CA GLY C 159 -5.82 0.03 32.62
C GLY C 159 -6.42 0.88 31.48
N LEU C 160 -6.77 2.15 31.73
CA LEU C 160 -7.36 3.03 30.69
C LEU C 160 -6.67 2.99 29.31
N GLN C 161 -5.34 3.07 29.35
CA GLN C 161 -4.49 3.00 28.17
C GLN C 161 -4.36 1.51 27.79
N SER C 162 -5.16 1.17 26.81
CA SER C 162 -5.22 -0.15 26.28
C SER C 162 -3.86 -0.57 25.79
N SER C 163 -3.17 0.37 25.14
CA SER C 163 -1.89 0.06 24.53
C SER C 163 -0.66 0.45 25.27
N CYS C 164 0.41 -0.26 24.97
CA CYS C 164 1.71 -0.02 25.58
C CYS C 164 2.79 -0.35 24.58
N VAL C 165 3.90 0.39 24.62
CA VAL C 165 5.01 0.22 23.69
C VAL C 165 6.32 -0.39 24.17
N LEU C 166 6.78 -1.41 23.48
CA LEU C 166 8.05 -2.00 23.81
C LEU C 166 8.86 -1.45 22.66
N CYS C 167 9.88 -0.68 22.95
CA CYS C 167 10.68 -0.16 21.85
C CYS C 167 11.95 -0.96 21.85
N ILE C 168 12.30 -1.52 20.70
CA ILE C 168 13.48 -2.35 20.58
C ILE C 168 14.62 -1.56 20.02
N PRO C 169 15.58 -1.23 20.87
CA PRO C 169 16.78 -0.46 20.57
C PRO C 169 17.66 -1.16 19.62
N TRP C 170 18.46 -0.41 18.89
CA TRP C 170 19.37 -1.03 17.97
C TRP C 170 20.63 -1.32 18.71
N ILE C 171 20.87 -2.59 18.98
CA ILE C 171 22.07 -3.00 19.65
C ILE C 171 22.70 -4.06 18.75
N SER C 172 23.64 -3.66 17.90
CA SER C 172 24.29 -4.60 17.03
C SER C 172 25.76 -4.27 17.02
N GLN C 173 26.57 -5.21 16.58
CA GLN C 173 27.98 -4.91 16.50
C GLN C 173 28.26 -4.30 15.13
N THR C 174 27.27 -4.30 14.24
CA THR C 174 27.57 -3.83 12.92
C THR C 174 27.25 -2.46 12.39
N HIS C 175 25.98 -2.07 12.37
CA HIS C 175 25.55 -0.77 11.80
C HIS C 175 24.41 -1.20 10.95
N TYR C 176 24.63 -2.29 10.23
CA TYR C 176 23.57 -2.84 9.42
C TYR C 176 23.46 -4.35 9.62
N ARG C 177 22.23 -4.86 9.64
CA ARG C 177 22.06 -6.30 9.71
C ARG C 177 21.56 -6.70 8.30
N TYR C 178 21.68 -7.97 7.91
CA TYR C 178 21.15 -8.36 6.60
C TYR C 178 19.67 -8.66 6.78
N VAL C 179 18.84 -8.44 5.77
CA VAL C 179 17.42 -8.75 5.93
C VAL C 179 17.30 -10.28 5.77
N VAL C 180 18.30 -10.78 5.10
CA VAL C 180 18.46 -12.17 4.73
C VAL C 180 18.68 -13.26 5.73
N MET C 181 18.89 -13.01 7.01
CA MET C 181 19.09 -14.11 8.01
C MET C 181 20.46 -14.80 8.02
N ASP C 182 21.34 -14.33 8.90
CA ASP C 182 22.72 -14.79 9.01
C ASP C 182 22.94 -14.94 10.49
N GLU C 183 23.71 -15.94 10.90
CA GLU C 183 23.92 -16.13 12.32
C GLU C 183 24.81 -15.03 12.85
N TYR C 184 25.59 -14.44 11.96
CA TYR C 184 26.52 -13.36 12.28
C TYR C 184 25.78 -12.10 12.68
N THR C 185 24.61 -11.99 12.10
CA THR C 185 23.75 -10.85 12.18
C THR C 185 22.53 -11.10 13.07
N ALA C 186 22.64 -12.10 13.92
CA ALA C 186 21.54 -12.44 14.81
C ALA C 186 21.11 -11.21 15.60
N GLY C 187 19.80 -11.03 15.73
CA GLY C 187 19.29 -9.88 16.46
C GLY C 187 18.63 -10.04 17.81
N GLY C 188 18.67 -11.21 18.43
CA GLY C 188 18.05 -11.33 19.75
C GLY C 188 16.64 -11.89 19.78
N TYR C 189 15.99 -11.81 20.95
CA TYR C 189 14.66 -12.37 21.15
C TYR C 189 13.65 -11.48 21.83
N ILE C 190 12.44 -11.47 21.32
CA ILE C 190 11.37 -10.71 21.93
C ILE C 190 10.42 -11.71 22.57
N THR C 191 10.10 -11.50 23.84
CA THR C 191 9.23 -12.41 24.58
C THR C 191 8.36 -11.60 25.53
N CYS C 192 7.27 -12.19 26.00
CA CYS C 192 6.32 -11.52 26.89
C CYS C 192 5.92 -12.56 27.94
N TRP C 193 5.73 -12.14 29.19
CA TRP C 193 5.41 -13.03 30.30
C TRP C 193 4.39 -12.34 31.22
N TYR C 194 3.66 -13.11 32.01
CA TYR C 194 2.69 -12.54 32.92
C TYR C 194 3.50 -11.96 34.09
N GLN C 195 3.26 -10.72 34.47
CA GLN C 195 3.98 -10.12 35.61
C GLN C 195 3.16 -10.48 36.84
N THR C 196 1.86 -10.42 36.69
CA THR C 196 0.97 -10.84 37.76
C THR C 196 0.04 -11.83 37.10
N ASN C 197 -1.19 -11.41 36.83
CA ASN C 197 -2.17 -12.29 36.25
C ASN C 197 -3.38 -11.50 35.78
N ILE C 198 -4.17 -12.07 34.86
CA ILE C 198 -5.38 -11.43 34.38
C ILE C 198 -6.46 -11.67 35.43
N VAL C 199 -6.72 -10.69 36.28
CA VAL C 199 -7.77 -10.85 37.30
C VAL C 199 -9.04 -10.20 36.76
N VAL C 200 -10.16 -10.86 36.95
CA VAL C 200 -11.40 -10.40 36.39
C VAL C 200 -12.55 -10.71 37.33
N PRO C 201 -13.61 -9.89 37.32
CA PRO C 201 -14.66 -10.24 38.26
C PRO C 201 -15.58 -11.32 37.67
N ALA C 202 -16.49 -11.83 38.50
CA ALA C 202 -17.40 -12.83 38.04
C ALA C 202 -18.28 -12.14 37.02
N ASP C 203 -18.67 -12.88 36.00
CA ASP C 203 -19.56 -12.40 34.95
C ASP C 203 -18.82 -11.59 33.87
N ALA C 204 -17.50 -11.75 33.83
CA ALA C 204 -16.64 -11.11 32.83
C ALA C 204 -15.72 -12.19 32.27
N GLN C 205 -15.56 -12.24 30.96
CA GLN C 205 -14.69 -13.23 30.35
C GLN C 205 -13.27 -13.19 30.88
N SER C 206 -12.66 -14.34 31.05
CA SER C 206 -11.30 -14.40 31.53
C SER C 206 -10.33 -14.56 30.35
N ASP C 207 -10.90 -14.87 29.19
CA ASP C 207 -10.12 -15.07 28.00
C ASP C 207 -10.17 -13.78 27.22
N CYS C 208 -8.99 -13.26 26.93
CA CYS C 208 -8.83 -12.04 26.18
C CYS C 208 -7.80 -12.17 25.08
N LYS C 209 -7.88 -11.22 24.18
CA LYS C 209 -6.97 -11.14 23.06
C LYS C 209 -6.12 -9.85 23.20
N ILE C 210 -4.93 -9.87 22.60
CA ILE C 210 -4.04 -8.74 22.59
C ILE C 210 -3.56 -8.67 21.16
N LEU C 211 -3.59 -7.46 20.59
CA LEU C 211 -3.13 -7.23 19.23
C LEU C 211 -1.78 -6.61 19.33
N CYS C 212 -0.92 -6.86 18.37
CA CYS C 212 0.42 -6.30 18.43
C CYS C 212 0.78 -5.68 17.11
N PHE C 213 1.31 -4.46 17.14
CA PHE C 213 1.67 -3.76 15.90
C PHE C 213 3.15 -3.51 15.74
N VAL C 214 3.60 -3.28 14.51
CA VAL C 214 5.01 -2.95 14.26
C VAL C 214 5.18 -1.79 13.32
N SER C 215 6.27 -1.08 13.58
CA SER C 215 6.73 0.02 12.76
C SER C 215 8.13 0.37 13.16
N ALA C 216 8.79 1.08 12.25
CA ALA C 216 10.15 1.55 12.46
C ALA C 216 10.16 2.81 13.31
N CYS C 217 11.25 3.01 14.03
CA CYS C 217 11.47 4.20 14.82
C CYS C 217 12.16 5.20 13.87
N ASN C 218 12.55 6.38 14.37
CA ASN C 218 13.15 7.36 13.45
C ASN C 218 14.58 7.17 12.99
N ASP C 219 15.27 6.15 13.52
CA ASP C 219 16.66 5.87 13.15
C ASP C 219 16.77 4.75 12.10
N PHE C 220 15.63 4.28 11.63
CA PHE C 220 15.58 3.18 10.68
C PHE C 220 15.90 3.49 9.23
N SER C 221 16.65 2.62 8.58
CA SER C 221 16.94 2.82 7.18
C SER C 221 17.29 1.50 6.52
N VAL C 222 16.98 1.36 5.23
CA VAL C 222 17.31 0.14 4.54
C VAL C 222 18.24 0.52 3.44
N ARG C 223 18.98 -0.47 2.97
CA ARG C 223 19.98 -0.29 1.95
C ARG C 223 19.96 -1.50 1.04
N MET C 224 20.49 -1.29 -0.16
CA MET C 224 20.60 -2.31 -1.18
C MET C 224 19.31 -2.90 -1.69
N LEU C 225 18.88 -2.36 -2.81
CA LEU C 225 17.68 -2.78 -3.46
C LEU C 225 17.93 -4.13 -4.07
N LYS C 226 16.88 -4.96 -4.03
CA LYS C 226 16.82 -6.31 -4.59
C LYS C 226 15.33 -6.62 -4.80
N ASP C 227 15.03 -7.61 -5.63
CA ASP C 227 13.64 -8.02 -5.88
C ASP C 227 13.15 -8.87 -4.69
N THR C 228 11.83 -8.89 -4.41
CA THR C 228 11.32 -9.69 -3.28
C THR C 228 11.17 -11.10 -3.73
N PRO C 229 11.35 -12.04 -2.80
CA PRO C 229 11.21 -13.44 -3.12
C PRO C 229 9.69 -13.78 -3.07
N PHE C 230 8.89 -12.81 -2.64
CA PHE C 230 7.44 -12.93 -2.46
C PHE C 230 6.48 -12.91 -3.64
N ILE C 231 6.98 -12.70 -4.85
CA ILE C 231 6.07 -12.65 -5.99
C ILE C 231 6.71 -13.39 -7.16
N LYS C 232 6.09 -14.51 -7.52
CA LYS C 232 6.57 -15.38 -8.58
C LYS C 232 5.62 -15.24 -9.74
N GLN C 233 5.95 -15.95 -10.81
CA GLN C 233 5.16 -15.96 -12.01
C GLN C 233 5.70 -17.03 -12.94
N ASP C 234 4.81 -17.76 -13.62
CA ASP C 234 5.23 -18.83 -14.55
C ASP C 234 5.32 -18.36 -15.98
N ASN C 235 4.45 -17.43 -16.36
CA ASN C 235 4.47 -16.80 -17.67
C ASN C 235 3.53 -15.62 -17.67
N PHE C 236 3.68 -14.74 -18.64
CA PHE C 236 2.86 -13.54 -18.71
C PHE C 236 1.41 -13.79 -18.43
N PHE C 237 0.86 -12.96 -17.56
CA PHE C 237 -0.52 -13.03 -17.21
C PHE C 237 -1.28 -12.53 -18.43
N GLN C 238 -2.53 -12.95 -18.59
CA GLN C 238 -3.31 -12.53 -19.72
C GLN C 238 -4.75 -12.18 -19.28
N GLY D 2 24.90 26.43 -19.86
CA GLY D 2 24.09 26.33 -18.65
C GLY D 2 24.32 25.01 -17.93
N ALA D 3 25.56 24.82 -17.46
CA ALA D 3 25.97 23.61 -16.75
C ALA D 3 25.57 23.77 -15.30
N GLN D 4 25.09 22.67 -14.72
CA GLN D 4 24.64 22.62 -13.34
C GLN D 4 25.62 21.72 -12.62
N VAL D 5 26.12 22.21 -11.50
CA VAL D 5 27.05 21.45 -10.68
C VAL D 5 26.33 21.06 -9.38
N SER D 6 26.26 19.75 -9.11
CA SER D 6 25.61 19.25 -7.90
C SER D 6 26.60 18.51 -7.05
N THR D 7 26.09 17.78 -6.08
CA THR D 7 26.98 17.04 -5.22
C THR D 7 26.73 15.57 -5.36
N GLN D 8 27.81 14.82 -5.41
CA GLN D 8 27.74 13.39 -5.51
C GLN D 8 27.34 12.76 -4.17
N LYS D 9 26.85 11.52 -4.20
CA LYS D 9 26.55 10.82 -2.95
C LYS D 9 27.97 10.49 -2.55
N THR D 10 28.41 10.95 -1.39
CA THR D 10 29.80 10.68 -1.01
C THR D 10 30.01 9.68 0.10
N GLY D 11 29.12 9.71 1.07
CA GLY D 11 29.32 8.82 2.20
C GLY D 11 29.42 9.79 3.35
N ALA D 12 29.53 9.30 4.58
CA ALA D 12 29.52 10.26 5.68
C ALA D 12 30.68 10.60 6.58
N HIS D 13 31.45 9.62 7.04
CA HIS D 13 32.52 10.02 7.96
C HIS D 13 33.83 10.54 7.36
N GLU D 14 33.83 10.79 6.05
CA GLU D 14 34.98 11.30 5.30
C GLU D 14 34.63 11.33 3.81
N ILE D 25 32.28 16.15 -2.71
CA ILE D 25 32.73 16.26 -4.16
C ILE D 25 31.54 16.45 -5.17
N HIS D 26 31.79 17.21 -6.24
CA HIS D 26 30.74 17.61 -7.21
C HIS D 26 30.71 16.94 -8.56
N TYR D 27 29.57 17.03 -9.27
CA TYR D 27 29.54 16.45 -10.60
C TYR D 27 29.54 17.29 -11.86
N THR D 28 28.39 17.82 -12.29
CA THR D 28 28.32 18.63 -13.54
C THR D 28 27.45 17.90 -14.54
N ASN D 29 26.40 18.58 -14.94
CA ASN D 29 25.45 18.05 -15.88
C ASN D 29 24.99 19.16 -16.82
N ILE D 30 24.75 18.83 -18.07
CA ILE D 30 24.23 19.80 -19.02
C ILE D 30 23.12 18.98 -19.65
N ASN D 31 21.95 19.57 -19.83
CA ASN D 31 20.86 18.85 -20.45
C ASN D 31 20.96 19.07 -21.93
N TYR D 32 20.86 18.03 -22.76
CA TYR D 32 20.97 18.30 -24.17
C TYR D 32 19.69 18.23 -24.99
N TYR D 33 18.57 17.89 -24.36
CA TYR D 33 17.31 17.74 -25.10
C TYR D 33 16.24 18.79 -24.80
N LYS D 34 15.38 19.09 -25.77
CA LYS D 34 14.34 20.12 -25.56
C LYS D 34 13.20 19.77 -24.65
N ASP D 35 13.10 18.51 -24.23
CA ASP D 35 11.98 18.05 -23.43
C ASP D 35 12.34 17.62 -22.03
N ALA D 36 11.63 18.10 -21.03
CA ALA D 36 12.02 17.74 -19.67
C ALA D 36 11.96 16.22 -19.43
N ALA D 37 11.10 15.53 -20.17
CA ALA D 37 11.02 14.08 -20.01
C ALA D 37 12.33 13.39 -20.39
N SER D 38 13.19 14.03 -21.18
CA SER D 38 14.45 13.41 -21.57
C SER D 38 15.46 13.45 -20.45
N ASN D 39 15.19 14.21 -19.40
CA ASN D 39 16.18 14.34 -18.35
C ASN D 39 16.40 13.11 -17.50
N SER D 40 17.58 13.04 -16.89
CA SER D 40 17.89 11.92 -16.03
C SER D 40 16.99 11.91 -14.78
N ALA D 41 17.17 10.93 -13.91
CA ALA D 41 16.32 10.77 -12.74
C ALA D 41 16.52 11.80 -11.66
N ASN D 42 15.53 11.95 -10.79
CA ASN D 42 15.65 12.90 -9.68
C ASN D 42 16.09 12.04 -8.55
N ARG D 43 17.32 11.54 -8.60
CA ARG D 43 17.74 10.64 -7.52
C ARG D 43 18.16 11.34 -6.22
N GLN D 44 18.14 12.67 -6.24
CA GLN D 44 18.56 13.47 -5.09
C GLN D 44 17.46 14.18 -4.30
N ASP D 45 16.20 13.78 -4.48
CA ASP D 45 15.07 14.40 -3.75
C ASP D 45 14.83 13.69 -2.43
N PHE D 46 15.22 14.30 -1.32
CA PHE D 46 15.07 13.67 -0.02
C PHE D 46 13.96 14.20 0.92
N THR D 47 12.87 14.70 0.35
CA THR D 47 11.73 15.21 1.14
C THR D 47 11.17 14.02 1.95
N GLN D 48 10.63 14.28 3.15
CA GLN D 48 10.11 13.21 3.97
C GLN D 48 9.10 13.71 5.02
N ASP D 49 7.87 13.20 4.95
CA ASP D 49 6.78 13.61 5.86
C ASP D 49 5.84 12.44 6.27
N PRO D 50 6.21 11.69 7.33
CA PRO D 50 5.38 10.56 7.79
C PRO D 50 4.06 11.01 8.39
N GLY D 51 4.06 12.18 9.03
CA GLY D 51 2.87 12.73 9.65
C GLY D 51 1.56 12.44 8.94
N LYS D 52 1.57 12.44 7.60
CA LYS D 52 0.34 12.16 6.82
C LYS D 52 -0.28 10.81 7.21
N PHE D 53 0.57 9.81 7.33
CA PHE D 53 0.13 8.46 7.66
C PHE D 53 0.33 8.04 9.12
N THR D 54 1.35 8.57 9.78
CA THR D 54 1.63 8.20 11.17
C THR D 54 0.85 8.96 12.21
N GLU D 55 0.39 10.16 11.91
CA GLU D 55 -0.36 10.96 12.87
C GLU D 55 -1.47 11.77 12.23
N PRO D 56 -2.42 11.10 11.54
CA PRO D 56 -3.49 11.90 10.93
C PRO D 56 -4.56 12.40 11.94
N VAL D 57 -4.34 12.13 13.22
CA VAL D 57 -5.27 12.55 14.29
C VAL D 57 -5.44 14.10 14.42
N LYS D 58 -6.69 14.55 14.41
CA LYS D 58 -7.03 15.97 14.51
C LYS D 58 -6.54 16.64 15.78
N ASP D 59 -6.45 15.91 16.88
CA ASP D 59 -6.01 16.51 18.14
C ASP D 59 -4.59 16.12 18.60
N ILE D 60 -3.63 16.47 17.73
CA ILE D 60 -2.19 16.27 17.91
C ILE D 60 -1.64 14.94 18.50
N MET D 61 -1.73 14.81 19.82
CA MET D 61 -1.24 13.64 20.58
C MET D 61 0.23 13.79 21.00
N VAL D 62 0.41 14.23 22.25
CA VAL D 62 1.73 14.41 22.84
C VAL D 62 2.16 13.01 23.36
N LYS D 63 3.45 12.72 23.29
CA LYS D 63 4.00 11.42 23.70
C LYS D 63 4.00 11.10 25.21
N SER D 64 4.59 12.00 26.01
CA SER D 64 4.68 11.86 27.46
C SER D 64 3.33 12.00 28.20
N MET D 65 2.28 12.31 27.44
CA MET D 65 0.95 12.53 27.99
C MET D 65 -0.02 11.33 27.98
N PRO D 66 -1.07 11.39 28.82
CA PRO D 66 -2.08 10.34 28.93
C PRO D 66 -2.93 10.43 27.65
N ALA D 67 -2.69 9.50 26.72
CA ALA D 67 -3.38 9.41 25.42
C ALA D 67 -4.90 9.61 25.47
N LEU D 68 -5.55 8.95 26.42
CA LEU D 68 -7.00 9.06 26.62
C LEU D 68 -7.27 9.72 27.98
N ASN D 69 -7.65 10.99 27.89
CA ASN D 69 -7.96 11.90 29.00
C ASN D 69 -9.27 11.60 29.78
#